data_4F0U
#
_entry.id   4F0U
#
_cell.length_a   99.550
_cell.length_b   165.330
_cell.length_c   151.150
_cell.angle_alpha   90.00
_cell.angle_beta   90.00
_cell.angle_gamma   90.00
#
_symmetry.space_group_name_H-M   'C 2 2 21'
#
loop_
_entity.id
_entity.type
_entity.pdbx_description
1 polymer 'Allophycocyanin alpha chain'
2 polymer 'Allophycocyanin, beta subunit'
3 non-polymer PHYCOCYANOBILIN
4 water water
#
loop_
_entity_poly.entity_id
_entity_poly.type
_entity_poly.pdbx_seq_one_letter_code
_entity_poly.pdbx_strand_id
1 'polypeptide(L)'
;SIVSKSIVNADAEARYLSPGELERIKTFVVGGDRRLRIAQTIAESRERIVKQAGNQLFQKRPDVVSPGGNAYGEDMTATC
LRDLDYYLRLVTYGVVSGDITPIEEIGIVGVREMYKSLGTPIEAVAEGVRELKSAATALLTGEDADEAGAYFDYVIGALS
;
A,C,E
2 'polypeptide(L)'
;MQDAITAVINASDVQGKYLDSSALDRLKSYFQSGELRVRAAATISANSALIVKEAVAKSLLYSDITRPGG(MEN)MYTTR
RYAACIRDLEYYLRYATYAMLAGDTSILDERVLNGLKETYNSLGVPIGATVQAIQAIKEVTASLVGPDAGREMGVYLDYI
SSGLS
;
B,D,F
#
loop_
_chem_comp.id
_chem_comp.type
_chem_comp.name
_chem_comp.formula
CYC non-polymer PHYCOCYANOBILIN 'C33 H40 N4 O6'
#
# COMPACT_ATOMS: atom_id res chain seq x y z
N SER A 1 6.65 -6.96 -29.33
CA SER A 1 6.93 -6.62 -30.71
C SER A 1 7.04 -5.10 -30.91
N ILE A 2 7.11 -4.69 -32.16
CA ILE A 2 7.21 -3.26 -32.48
C ILE A 2 5.86 -2.57 -32.38
N VAL A 3 4.84 -3.34 -32.02
CA VAL A 3 3.52 -2.81 -31.88
C VAL A 3 3.24 -2.63 -30.43
N SER A 4 3.55 -3.65 -29.67
CA SER A 4 3.38 -3.61 -28.24
C SER A 4 4.32 -2.57 -27.62
N LYS A 5 5.53 -2.45 -28.17
CA LYS A 5 6.50 -1.49 -27.66
C LYS A 5 6.02 -0.05 -27.83
N SER A 6 5.68 0.33 -29.05
CA SER A 6 5.23 1.70 -29.27
C SER A 6 3.94 2.04 -28.51
N ILE A 7 3.10 1.04 -28.24
CA ILE A 7 1.86 1.27 -27.47
C ILE A 7 2.21 1.67 -26.04
N VAL A 8 3.31 1.11 -25.54
CA VAL A 8 3.78 1.42 -24.19
C VAL A 8 4.31 2.86 -24.14
N ASN A 9 5.16 3.20 -25.08
CA ASN A 9 5.65 4.55 -25.15
C ASN A 9 4.50 5.50 -25.12
N ALA A 10 3.49 5.24 -25.92
CA ALA A 10 2.32 6.11 -26.00
C ALA A 10 1.56 6.17 -24.67
N ASP A 11 1.27 5.00 -24.11
CA ASP A 11 0.54 4.93 -22.85
C ASP A 11 1.24 5.72 -21.75
N ALA A 12 2.55 5.70 -21.76
CA ALA A 12 3.38 6.37 -20.79
C ALA A 12 3.23 7.85 -20.88
N GLU A 13 3.10 8.39 -22.07
CA GLU A 13 2.81 9.80 -22.17
C GLU A 13 1.36 10.15 -22.41
N ALA A 14 0.47 9.23 -22.06
CA ALA A 14 -0.96 9.44 -22.23
C ALA A 14 -1.48 10.02 -23.54
N ARG A 15 -0.87 9.59 -24.64
CA ARG A 15 -1.28 10.07 -25.97
C ARG A 15 -1.42 8.98 -27.02
N TYR A 16 -1.96 9.35 -28.19
CA TYR A 16 -2.14 8.42 -29.28
C TYR A 16 -0.77 8.24 -29.92
N LEU A 17 -0.55 7.11 -30.57
CA LEU A 17 0.74 6.86 -31.22
C LEU A 17 1.11 8.05 -32.12
N SER A 18 2.40 8.21 -32.37
CA SER A 18 2.91 9.30 -33.21
C SER A 18 2.91 8.83 -34.67
N PRO A 19 3.01 9.76 -35.62
CA PRO A 19 3.02 9.32 -37.01
C PRO A 19 4.22 8.40 -37.26
N GLY A 20 5.31 8.69 -36.57
CA GLY A 20 6.52 7.88 -36.68
C GLY A 20 6.31 6.45 -36.21
N GLU A 21 5.60 6.27 -35.10
CA GLU A 21 5.35 4.91 -34.59
C GLU A 21 4.38 4.14 -35.47
N LEU A 22 3.32 4.81 -35.92
CA LEU A 22 2.34 4.18 -36.80
C LEU A 22 3.03 3.74 -38.07
N GLU A 23 3.89 4.61 -38.58
CA GLU A 23 4.62 4.30 -39.79
C GLU A 23 5.54 3.11 -39.55
N ARG A 24 6.23 3.09 -38.41
CA ARG A 24 7.12 1.98 -38.09
C ARG A 24 6.33 0.68 -37.98
N ILE A 25 5.07 0.78 -37.59
CA ILE A 25 4.23 -0.40 -37.48
C ILE A 25 3.87 -0.91 -38.87
N LYS A 26 3.62 0.02 -39.79
CA LYS A 26 3.26 -0.33 -41.16
C LYS A 26 4.41 -1.08 -41.85
N THR A 27 5.63 -0.62 -41.60
CA THR A 27 6.81 -1.24 -42.21
C THR A 27 7.03 -2.65 -41.65
N PHE A 28 6.79 -2.82 -40.36
CA PHE A 28 6.96 -4.10 -39.71
C PHE A 28 5.89 -5.09 -40.15
N VAL A 29 4.65 -4.67 -40.07
CA VAL A 29 3.53 -5.52 -40.44
C VAL A 29 3.65 -5.99 -41.90
N VAL A 30 4.09 -5.08 -42.77
CA VAL A 30 4.25 -5.38 -44.19
C VAL A 30 5.26 -6.50 -44.45
N GLY A 31 6.31 -6.59 -43.63
CA GLY A 31 7.31 -7.63 -43.82
C GLY A 31 7.10 -8.84 -42.94
N GLY A 32 5.91 -9.00 -42.42
CA GLY A 32 5.62 -10.11 -41.56
C GLY A 32 5.74 -11.45 -42.24
N ASP A 33 5.39 -11.50 -43.51
CA ASP A 33 5.45 -12.75 -44.27
C ASP A 33 6.86 -13.31 -44.30
N ARG A 34 7.81 -12.48 -44.71
CA ARG A 34 9.21 -12.90 -44.79
C ARG A 34 9.67 -13.54 -43.49
N ARG A 35 9.31 -12.93 -42.37
CA ARG A 35 9.69 -13.43 -41.06
C ARG A 35 9.11 -14.83 -40.81
N LEU A 36 7.91 -15.07 -41.32
CA LEU A 36 7.25 -16.34 -41.15
C LEU A 36 7.94 -17.40 -42.00
N ARG A 37 8.32 -17.05 -43.23
CA ARG A 37 9.01 -18.01 -44.08
C ARG A 37 10.30 -18.44 -43.41
N ILE A 38 11.05 -17.46 -42.90
CA ILE A 38 12.32 -17.70 -42.23
C ILE A 38 12.18 -18.68 -41.08
N ALA A 39 11.18 -18.45 -40.23
CA ALA A 39 10.95 -19.31 -39.08
C ALA A 39 10.50 -20.68 -39.53
N GLN A 40 9.82 -20.71 -40.66
CA GLN A 40 9.29 -21.93 -41.24
C GLN A 40 10.40 -22.82 -41.78
N THR A 41 11.32 -22.21 -42.51
CA THR A 41 12.42 -22.98 -43.07
C THR A 41 13.25 -23.57 -41.92
N ILE A 42 13.44 -22.79 -40.85
CA ILE A 42 14.22 -23.24 -39.71
C ILE A 42 13.52 -24.37 -38.95
N ALA A 43 12.22 -24.24 -38.75
CA ALA A 43 11.47 -25.27 -38.06
C ALA A 43 11.60 -26.57 -38.86
N GLU A 44 11.26 -26.48 -40.14
CA GLU A 44 11.31 -27.62 -41.03
C GLU A 44 12.61 -28.42 -40.95
N SER A 45 13.73 -27.71 -40.77
CA SER A 45 15.03 -28.39 -40.69
C SER A 45 15.62 -28.40 -39.27
N ARG A 46 14.76 -28.35 -38.25
CA ARG A 46 15.25 -28.33 -36.87
C ARG A 46 16.13 -29.52 -36.51
N GLU A 47 15.80 -30.69 -37.04
CA GLU A 47 16.56 -31.91 -36.77
C GLU A 47 17.87 -31.91 -37.54
N ARG A 48 17.97 -31.26 -38.67
CA ARG A 48 19.27 -31.29 -39.32
C ARG A 48 20.21 -30.46 -38.52
N ILE A 49 19.79 -29.23 -38.36
CA ILE A 49 20.46 -28.21 -37.58
C ILE A 49 20.96 -28.65 -36.23
N VAL A 50 20.07 -29.09 -35.39
CA VAL A 50 20.42 -29.36 -34.00
C VAL A 50 21.42 -30.51 -33.90
N LYS A 51 21.32 -31.45 -34.83
CA LYS A 51 22.19 -32.58 -34.84
C LYS A 51 23.52 -32.18 -35.43
N GLN A 52 23.52 -31.33 -36.44
CA GLN A 52 24.78 -30.95 -37.01
C GLN A 52 25.54 -30.08 -36.09
N ALA A 53 24.86 -29.11 -35.49
CA ALA A 53 25.52 -28.17 -34.61
C ALA A 53 25.98 -28.87 -33.37
N GLY A 54 25.35 -29.97 -33.07
CA GLY A 54 25.76 -30.76 -31.92
C GLY A 54 27.08 -31.49 -32.10
N ASN A 55 27.33 -32.01 -33.30
CA ASN A 55 28.59 -32.71 -33.59
C ASN A 55 29.74 -31.74 -33.56
N GLN A 56 29.54 -30.56 -34.09
CA GLN A 56 30.58 -29.55 -34.11
C GLN A 56 30.92 -29.09 -32.68
N LEU A 57 29.89 -29.02 -31.84
CA LEU A 57 30.07 -28.61 -30.45
C LEU A 57 30.93 -29.60 -29.68
N PHE A 58 30.78 -30.88 -30.01
CA PHE A 58 31.55 -31.94 -29.36
C PHE A 58 32.98 -31.99 -29.89
N GLN A 59 33.12 -31.83 -31.19
CA GLN A 59 34.43 -31.86 -31.83
C GLN A 59 35.24 -30.62 -31.44
N LYS A 60 34.60 -29.68 -30.77
CA LYS A 60 35.36 -28.57 -30.31
C LYS A 60 35.54 -28.61 -28.83
N ARG A 61 34.58 -29.16 -28.11
CA ARG A 61 34.64 -29.24 -26.66
C ARG A 61 34.40 -30.67 -26.25
N PRO A 62 35.40 -31.51 -26.52
CA PRO A 62 35.24 -32.94 -26.40
C PRO A 62 35.12 -33.30 -24.94
N ASP A 63 35.57 -32.44 -24.07
CA ASP A 63 35.51 -32.72 -22.66
C ASP A 63 34.12 -32.89 -22.11
N VAL A 64 33.21 -32.07 -22.62
CA VAL A 64 31.84 -32.02 -22.13
C VAL A 64 31.25 -33.42 -22.05
N VAL A 65 31.44 -34.20 -23.10
CA VAL A 65 30.92 -35.56 -23.12
C VAL A 65 31.87 -36.63 -22.59
N SER A 66 33.10 -36.25 -22.26
CA SER A 66 34.03 -37.17 -21.68
C SER A 66 33.66 -37.37 -20.23
N PRO A 67 34.24 -38.38 -19.64
CA PRO A 67 33.83 -38.88 -18.34
C PRO A 67 33.94 -37.76 -17.37
N GLY A 68 33.09 -37.77 -16.34
CA GLY A 68 32.97 -36.65 -15.43
C GLY A 68 32.59 -35.41 -16.20
N GLY A 69 31.86 -35.68 -17.35
CA GLY A 69 31.46 -34.54 -18.14
C GLY A 69 30.01 -34.29 -17.88
N ASN A 70 29.56 -33.12 -18.29
CA ASN A 70 28.20 -32.71 -18.01
C ASN A 70 27.26 -33.36 -18.93
N ALA A 71 27.74 -33.78 -20.07
CA ALA A 71 26.89 -34.48 -21.00
C ALA A 71 27.48 -35.82 -21.34
N TYR A 72 27.85 -36.66 -20.40
CA TYR A 72 28.51 -37.90 -20.76
C TYR A 72 27.45 -38.97 -20.71
N GLY A 73 27.29 -39.74 -21.73
CA GLY A 73 26.27 -40.74 -21.64
C GLY A 73 25.08 -40.32 -22.43
N GLU A 74 24.69 -41.19 -23.33
CA GLU A 74 23.65 -40.88 -24.25
C GLU A 74 22.49 -40.18 -23.57
N ASP A 75 22.08 -40.67 -22.43
CA ASP A 75 21.01 -40.02 -21.71
C ASP A 75 21.24 -38.53 -21.69
N MET A 76 22.42 -38.15 -21.25
CA MET A 76 22.86 -36.82 -20.94
C MET A 76 23.16 -35.93 -22.13
N THR A 77 23.84 -36.47 -23.12
CA THR A 77 24.04 -35.78 -24.39
C THR A 77 22.67 -35.51 -25.01
N ALA A 78 21.72 -36.41 -24.77
CA ALA A 78 20.39 -36.24 -25.31
C ALA A 78 19.83 -34.90 -24.84
N THR A 79 19.89 -34.68 -23.52
CA THR A 79 19.38 -33.45 -22.95
C THR A 79 20.12 -32.23 -23.52
N CYS A 80 21.44 -32.35 -23.69
CA CYS A 80 22.22 -31.25 -24.23
C CYS A 80 21.71 -30.80 -25.60
N LEU A 81 21.40 -31.74 -26.48
CA LEU A 81 20.87 -31.37 -27.80
C LEU A 81 19.47 -30.80 -27.67
N ARG A 82 18.73 -31.25 -26.65
CA ARG A 82 17.39 -30.75 -26.44
C ARG A 82 17.45 -29.24 -26.14
N ASP A 83 18.47 -28.83 -25.38
CA ASP A 83 18.64 -27.43 -25.04
C ASP A 83 19.01 -26.62 -26.27
N LEU A 84 19.82 -27.19 -27.15
CA LEU A 84 20.18 -26.49 -28.38
C LEU A 84 18.91 -26.31 -29.21
N ASP A 85 18.01 -27.28 -29.10
CA ASP A 85 16.76 -27.26 -29.82
C ASP A 85 15.80 -26.27 -29.18
N TYR A 86 15.97 -26.03 -27.88
CA TYR A 86 15.13 -25.07 -27.16
C TYR A 86 15.50 -23.67 -27.63
N TYR A 87 16.81 -23.42 -27.73
CA TYR A 87 17.30 -22.11 -28.14
C TYR A 87 17.14 -21.79 -29.61
N LEU A 88 17.00 -22.83 -30.43
CA LEU A 88 16.83 -22.66 -31.87
C LEU A 88 15.36 -22.24 -32.06
N ARG A 89 14.51 -22.71 -31.15
CA ARG A 89 13.10 -22.36 -31.20
C ARG A 89 12.93 -20.89 -30.79
N LEU A 90 13.40 -20.54 -29.60
CA LEU A 90 13.32 -19.16 -29.12
C LEU A 90 13.85 -18.15 -30.15
N VAL A 91 14.81 -18.55 -30.95
CA VAL A 91 15.37 -17.66 -31.96
C VAL A 91 14.35 -17.35 -33.05
N THR A 92 13.52 -18.33 -33.37
CA THR A 92 12.52 -18.13 -34.41
C THR A 92 11.43 -17.20 -33.89
N TYR A 93 11.24 -17.20 -32.57
CA TYR A 93 10.25 -16.35 -31.91
C TYR A 93 10.64 -14.88 -32.02
N GLY A 94 11.94 -14.62 -31.96
CA GLY A 94 12.42 -13.25 -32.07
C GLY A 94 12.31 -12.75 -33.49
N VAL A 95 12.69 -13.60 -34.43
CA VAL A 95 12.62 -13.30 -35.85
C VAL A 95 11.21 -12.86 -36.23
N VAL A 96 10.22 -13.60 -35.75
CA VAL A 96 8.83 -13.31 -36.08
C VAL A 96 8.26 -12.09 -35.37
N SER A 97 8.79 -11.75 -34.20
CA SER A 97 8.28 -10.60 -33.47
C SER A 97 9.26 -9.44 -33.63
N GLY A 98 10.45 -9.77 -34.14
CA GLY A 98 11.49 -8.77 -34.34
C GLY A 98 11.74 -8.10 -33.00
N ASP A 99 11.40 -8.84 -31.94
CA ASP A 99 11.53 -8.39 -30.59
C ASP A 99 12.32 -9.45 -29.83
N ILE A 100 13.23 -9.01 -28.98
CA ILE A 100 14.07 -9.91 -28.25
C ILE A 100 13.44 -10.35 -26.96
N THR A 101 12.45 -9.60 -26.52
CA THR A 101 11.68 -9.89 -25.30
C THR A 101 11.36 -11.38 -25.05
N PRO A 102 10.75 -12.09 -26.02
CA PRO A 102 10.42 -13.51 -25.80
C PRO A 102 11.56 -14.47 -25.54
N ILE A 103 12.76 -14.18 -26.06
CA ILE A 103 13.90 -15.05 -25.81
C ILE A 103 14.29 -14.93 -24.34
N GLU A 104 14.30 -13.69 -23.84
CA GLU A 104 14.64 -13.35 -22.45
C GLU A 104 13.76 -13.97 -21.38
N GLU A 105 12.47 -13.79 -21.52
CA GLU A 105 11.58 -14.22 -20.50
C GLU A 105 11.43 -15.72 -20.44
N ILE A 106 11.78 -16.38 -21.54
CA ILE A 106 11.73 -17.82 -21.63
C ILE A 106 13.05 -18.47 -21.32
N GLY A 107 14.11 -18.08 -21.99
CA GLY A 107 15.37 -18.75 -21.75
C GLY A 107 16.62 -17.97 -21.40
N ILE A 108 16.48 -16.71 -21.00
CA ILE A 108 17.64 -15.89 -20.64
C ILE A 108 17.65 -15.39 -19.19
N VAL A 109 16.50 -14.95 -18.69
CA VAL A 109 16.44 -14.47 -17.31
C VAL A 109 16.57 -15.66 -16.37
N GLY A 110 17.67 -15.70 -15.61
CA GLY A 110 17.89 -16.79 -14.68
C GLY A 110 18.70 -17.97 -15.23
N VAL A 111 19.22 -17.85 -16.45
CA VAL A 111 20.00 -18.94 -17.02
C VAL A 111 21.22 -19.31 -16.20
N ARG A 112 22.04 -18.35 -15.83
CA ARG A 112 23.22 -18.65 -15.09
C ARG A 112 22.92 -19.42 -13.85
N GLU A 113 21.89 -18.99 -13.15
CA GLU A 113 21.43 -19.68 -11.94
C GLU A 113 21.16 -21.15 -12.23
N MET A 114 20.36 -21.40 -13.25
CA MET A 114 19.99 -22.75 -13.64
C MET A 114 21.20 -23.62 -13.97
N TYR A 115 21.96 -23.24 -14.99
CA TYR A 115 23.12 -24.04 -15.37
C TYR A 115 24.16 -24.21 -14.27
N LYS A 116 24.30 -23.21 -13.41
CA LYS A 116 25.27 -23.29 -12.32
C LYS A 116 24.92 -24.47 -11.42
N SER A 117 23.67 -24.52 -10.99
CA SER A 117 23.17 -25.57 -10.12
C SER A 117 23.11 -26.96 -10.78
N LEU A 118 23.12 -27.01 -12.11
CA LEU A 118 23.09 -28.30 -12.80
C LEU A 118 24.54 -28.70 -13.11
N GLY A 119 25.47 -27.80 -12.81
CA GLY A 119 26.87 -28.07 -13.05
C GLY A 119 27.32 -28.00 -14.50
N THR A 120 26.54 -27.31 -15.31
CA THR A 120 26.82 -27.05 -16.72
C THR A 120 27.62 -25.82 -17.07
N PRO A 121 28.59 -25.99 -17.92
CA PRO A 121 29.43 -24.90 -18.36
C PRO A 121 28.74 -23.97 -19.34
N ILE A 122 28.39 -22.78 -18.89
CA ILE A 122 27.59 -21.83 -19.65
C ILE A 122 28.29 -21.38 -20.92
N GLU A 123 29.61 -21.35 -20.90
CA GLU A 123 30.39 -20.92 -22.05
C GLU A 123 30.36 -21.99 -23.12
N ALA A 124 30.02 -23.20 -22.71
CA ALA A 124 29.95 -24.34 -23.63
C ALA A 124 28.58 -24.33 -24.32
N VAL A 125 27.56 -23.88 -23.59
CA VAL A 125 26.20 -23.78 -24.13
C VAL A 125 26.25 -22.70 -25.20
N ALA A 126 26.97 -21.62 -24.90
CA ALA A 126 27.12 -20.51 -25.82
C ALA A 126 27.64 -20.96 -27.19
N GLU A 127 28.75 -21.68 -27.23
CA GLU A 127 29.27 -22.08 -28.54
C GLU A 127 28.38 -23.10 -29.23
N GLY A 128 27.54 -23.78 -28.47
CA GLY A 128 26.65 -24.73 -29.10
C GLY A 128 25.65 -23.90 -29.91
N VAL A 129 25.41 -22.68 -29.43
CA VAL A 129 24.50 -21.76 -30.10
C VAL A 129 25.25 -21.14 -31.28
N ARG A 130 26.56 -21.00 -31.11
CA ARG A 130 27.41 -20.48 -32.17
C ARG A 130 27.43 -21.46 -33.33
N GLU A 131 27.38 -22.75 -33.00
CA GLU A 131 27.33 -23.80 -34.00
C GLU A 131 25.95 -23.84 -34.64
N LEU A 132 24.92 -23.75 -33.80
CA LEU A 132 23.54 -23.71 -34.28
C LEU A 132 23.39 -22.58 -35.30
N LYS A 133 23.93 -21.42 -34.96
CA LYS A 133 23.91 -20.29 -35.86
C LYS A 133 24.44 -20.69 -37.23
N SER A 134 25.56 -21.41 -37.24
CA SER A 134 26.17 -21.84 -38.50
C SER A 134 25.33 -22.85 -39.30
N ALA A 135 24.72 -23.81 -38.61
CA ALA A 135 23.93 -24.82 -39.31
C ALA A 135 22.57 -24.29 -39.80
N ALA A 136 22.14 -23.16 -39.24
CA ALA A 136 20.86 -22.56 -39.61
C ALA A 136 20.99 -21.49 -40.69
N THR A 137 21.90 -20.53 -40.51
CA THR A 137 22.08 -19.50 -41.52
C THR A 137 22.44 -20.20 -42.82
N ALA A 138 23.04 -21.39 -42.68
CA ALA A 138 23.46 -22.21 -43.81
C ALA A 138 22.32 -22.37 -44.81
N LEU A 139 21.11 -22.61 -44.32
CA LEU A 139 19.94 -22.75 -45.16
C LEU A 139 19.31 -21.44 -45.63
N LEU A 140 19.87 -20.36 -45.19
CA LEU A 140 19.38 -19.04 -45.42
C LEU A 140 20.36 -18.38 -46.29
N THR A 141 19.87 -17.44 -47.07
CA THR A 141 20.67 -16.71 -47.99
C THR A 141 20.47 -15.25 -47.76
N GLY A 142 21.49 -14.45 -47.82
CA GLY A 142 21.29 -13.03 -47.83
C GLY A 142 20.74 -12.41 -46.57
N GLU A 143 19.82 -11.48 -46.75
CA GLU A 143 19.11 -10.74 -45.72
C GLU A 143 18.37 -11.66 -44.77
N ASP A 144 17.77 -12.71 -45.32
CA ASP A 144 17.03 -13.68 -44.53
C ASP A 144 17.99 -14.27 -43.50
N ALA A 145 19.26 -14.38 -43.91
CA ALA A 145 20.31 -14.94 -43.06
C ALA A 145 20.84 -13.96 -42.03
N ASP A 146 21.00 -12.70 -42.42
CA ASP A 146 21.52 -11.68 -41.52
C ASP A 146 20.52 -11.45 -40.39
N GLU A 147 19.24 -11.57 -40.74
CA GLU A 147 18.14 -11.39 -39.80
C GLU A 147 18.17 -12.43 -38.70
N ALA A 148 18.14 -13.70 -39.10
CA ALA A 148 18.18 -14.79 -38.13
C ALA A 148 19.45 -14.68 -37.31
N GLY A 149 20.58 -14.60 -38.01
CA GLY A 149 21.87 -14.51 -37.35
C GLY A 149 21.98 -13.46 -36.27
N ALA A 150 21.26 -12.35 -36.43
CA ALA A 150 21.31 -11.28 -35.43
C ALA A 150 20.75 -11.77 -34.10
N TYR A 151 19.69 -12.57 -34.17
CA TYR A 151 19.09 -13.11 -32.97
C TYR A 151 19.97 -14.18 -32.35
N PHE A 152 20.62 -14.98 -33.19
CA PHE A 152 21.52 -16.02 -32.70
C PHE A 152 22.58 -15.30 -31.89
N ASP A 153 23.05 -14.18 -32.41
CA ASP A 153 24.06 -13.38 -31.72
C ASP A 153 23.56 -13.01 -30.35
N TYR A 154 22.40 -12.34 -30.29
CA TYR A 154 21.84 -11.94 -29.02
C TYR A 154 21.90 -13.08 -27.99
N VAL A 155 21.44 -14.28 -28.38
CA VAL A 155 21.44 -15.42 -27.47
C VAL A 155 22.86 -15.80 -27.09
N ILE A 156 23.73 -15.89 -28.08
CA ILE A 156 25.14 -16.22 -27.87
C ILE A 156 25.75 -15.21 -26.90
N GLY A 157 25.47 -13.94 -27.15
CA GLY A 157 26.00 -12.89 -26.30
C GLY A 157 25.44 -12.87 -24.90
N ALA A 158 24.20 -13.32 -24.72
CA ALA A 158 23.60 -13.34 -23.39
C ALA A 158 24.00 -14.59 -22.61
N LEU A 159 24.67 -15.53 -23.27
CA LEU A 159 25.10 -16.76 -22.60
C LEU A 159 26.59 -16.81 -22.32
N SER A 160 27.35 -15.95 -22.98
CA SER A 160 28.80 -15.93 -22.80
C SER A 160 29.22 -15.27 -21.49
N MET B 1 1.35 -5.82 -21.03
CA MET B 1 0.55 -6.11 -22.22
C MET B 1 1.27 -7.07 -23.15
N GLN B 2 0.57 -7.52 -24.18
CA GLN B 2 1.13 -8.46 -25.15
C GLN B 2 0.43 -8.36 -26.49
N ASP B 3 1.19 -8.41 -27.57
CA ASP B 3 0.64 -8.32 -28.93
C ASP B 3 -0.09 -9.62 -29.18
N ALA B 4 -0.72 -9.71 -30.34
CA ALA B 4 -1.37 -10.94 -30.74
C ALA B 4 -0.19 -11.84 -31.12
N ILE B 5 0.86 -11.21 -31.66
CA ILE B 5 2.07 -11.92 -32.05
C ILE B 5 2.64 -12.67 -30.85
N THR B 6 3.02 -11.92 -29.81
CA THR B 6 3.53 -12.53 -28.59
C THR B 6 2.51 -13.48 -27.99
N ALA B 7 1.23 -13.16 -28.19
CA ALA B 7 0.14 -14.00 -27.72
C ALA B 7 0.21 -15.38 -28.36
N VAL B 8 0.47 -15.40 -29.67
CA VAL B 8 0.61 -16.66 -30.40
C VAL B 8 1.87 -17.37 -29.95
N ILE B 9 2.99 -16.65 -29.91
CA ILE B 9 4.25 -17.26 -29.48
C ILE B 9 4.09 -17.99 -28.13
N ASN B 10 3.57 -17.30 -27.14
CA ASN B 10 3.38 -17.89 -25.82
C ASN B 10 2.50 -19.13 -25.85
N ALA B 11 1.46 -19.12 -26.68
CA ALA B 11 0.57 -20.25 -26.78
C ALA B 11 1.33 -21.45 -27.31
N SER B 12 2.37 -21.20 -28.11
CA SER B 12 3.16 -22.29 -28.65
C SER B 12 4.23 -22.74 -27.67
N ASP B 13 4.87 -21.79 -27.00
CA ASP B 13 5.92 -22.14 -26.05
C ASP B 13 5.35 -22.97 -24.92
N VAL B 14 4.12 -22.69 -24.53
CA VAL B 14 3.49 -23.45 -23.46
C VAL B 14 3.30 -24.92 -23.88
N GLN B 15 3.43 -25.18 -25.18
CA GLN B 15 3.32 -26.53 -25.71
C GLN B 15 4.70 -27.01 -26.13
N GLY B 16 5.72 -26.18 -25.90
CA GLY B 16 7.08 -26.54 -26.23
C GLY B 16 7.36 -26.83 -27.70
N LYS B 17 6.55 -26.29 -28.59
CA LYS B 17 6.75 -26.52 -30.01
C LYS B 17 6.95 -25.25 -30.84
N TYR B 18 7.54 -25.41 -32.02
CA TYR B 18 7.74 -24.29 -32.93
C TYR B 18 6.33 -23.94 -33.46
N LEU B 19 6.20 -22.78 -34.08
CA LEU B 19 4.92 -22.30 -34.63
C LEU B 19 4.23 -23.21 -35.67
N ASP B 20 3.06 -23.73 -35.32
CA ASP B 20 2.26 -24.55 -36.19
C ASP B 20 1.86 -23.76 -37.39
N SER B 21 1.28 -24.45 -38.35
CA SER B 21 0.66 -23.80 -39.47
C SER B 21 -0.56 -23.00 -39.04
N SER B 22 -1.27 -23.52 -38.05
CA SER B 22 -2.43 -22.82 -37.50
C SER B 22 -1.97 -21.57 -36.76
N ALA B 23 -0.73 -21.60 -36.28
CA ALA B 23 -0.16 -20.46 -35.58
C ALA B 23 0.33 -19.41 -36.59
N LEU B 24 0.93 -19.89 -37.68
CA LEU B 24 1.41 -19.01 -38.73
C LEU B 24 0.21 -18.29 -39.34
N ASP B 25 -0.92 -19.00 -39.40
CA ASP B 25 -2.14 -18.43 -39.95
C ASP B 25 -2.64 -17.29 -39.09
N ARG B 26 -2.63 -17.46 -37.78
CA ARG B 26 -3.06 -16.35 -36.93
C ARG B 26 -2.15 -15.16 -37.21
N LEU B 27 -0.84 -15.43 -37.25
CA LEU B 27 0.16 -14.41 -37.50
C LEU B 27 -0.04 -13.73 -38.85
N LYS B 28 -0.33 -14.51 -39.87
CA LYS B 28 -0.53 -13.94 -41.20
C LYS B 28 -1.74 -13.01 -41.19
N SER B 29 -2.81 -13.44 -40.53
CA SER B 29 -4.03 -12.67 -40.45
C SER B 29 -3.85 -11.35 -39.71
N TYR B 30 -2.95 -11.33 -38.72
CA TYR B 30 -2.69 -10.12 -37.97
C TYR B 30 -1.88 -9.16 -38.85
N PHE B 31 -0.81 -9.67 -39.47
CA PHE B 31 0.03 -8.83 -40.33
C PHE B 31 -0.73 -8.15 -41.48
N GLN B 32 -1.56 -8.89 -42.19
CA GLN B 32 -2.30 -8.33 -43.32
C GLN B 32 -3.39 -7.33 -42.89
N SER B 33 -3.75 -7.34 -41.61
CA SER B 33 -4.77 -6.42 -41.12
C SER B 33 -4.14 -5.19 -40.46
N GLY B 34 -2.81 -5.10 -40.52
CA GLY B 34 -2.12 -3.99 -39.92
C GLY B 34 -2.52 -2.64 -40.48
N GLU B 35 -2.40 -2.47 -41.79
CA GLU B 35 -2.74 -1.20 -42.43
C GLU B 35 -4.13 -0.71 -41.96
N LEU B 36 -5.09 -1.61 -41.90
CA LEU B 36 -6.44 -1.27 -41.47
C LEU B 36 -6.47 -0.72 -40.04
N ARG B 37 -5.73 -1.36 -39.14
CA ARG B 37 -5.67 -0.95 -37.73
C ARG B 37 -4.96 0.40 -37.56
N VAL B 38 -3.82 0.56 -38.21
CA VAL B 38 -3.10 1.81 -38.15
C VAL B 38 -3.95 2.97 -38.70
N ARG B 39 -4.61 2.75 -39.81
CA ARG B 39 -5.43 3.74 -40.43
C ARG B 39 -6.62 4.09 -39.58
N ALA B 40 -7.13 3.12 -38.87
CA ALA B 40 -8.23 3.32 -37.93
C ALA B 40 -7.74 4.19 -36.78
N ALA B 41 -6.56 3.85 -36.27
CA ALA B 41 -5.94 4.57 -35.17
C ALA B 41 -5.68 6.03 -35.53
N ALA B 42 -5.15 6.24 -36.73
CA ALA B 42 -4.87 7.59 -37.19
C ALA B 42 -6.14 8.45 -37.18
N THR B 43 -7.25 7.87 -37.58
CA THR B 43 -8.53 8.58 -37.62
C THR B 43 -9.08 8.78 -36.22
N ILE B 44 -9.07 7.72 -35.42
CA ILE B 44 -9.58 7.78 -34.06
C ILE B 44 -8.75 8.74 -33.20
N SER B 45 -7.56 9.07 -33.68
CA SER B 45 -6.67 9.99 -32.96
C SER B 45 -6.97 11.44 -33.31
N ALA B 46 -7.21 11.69 -34.60
CA ALA B 46 -7.50 13.04 -35.07
C ALA B 46 -8.95 13.43 -34.77
N ASN B 47 -9.74 12.46 -34.31
CA ASN B 47 -11.14 12.69 -34.00
C ASN B 47 -11.57 12.29 -32.59
N SER B 48 -10.62 11.98 -31.72
CA SER B 48 -10.93 11.55 -30.36
C SER B 48 -11.82 12.51 -29.58
N ALA B 49 -11.63 13.81 -29.81
CA ALA B 49 -12.41 14.83 -29.13
C ALA B 49 -13.85 14.87 -29.65
N LEU B 50 -14.00 14.82 -30.97
CA LEU B 50 -15.32 14.84 -31.59
C LEU B 50 -16.09 13.56 -31.28
N ILE B 51 -15.40 12.43 -31.32
CA ILE B 51 -16.02 11.13 -31.05
C ILE B 51 -16.63 11.10 -29.66
N VAL B 52 -15.95 11.72 -28.70
CA VAL B 52 -16.42 11.77 -27.32
C VAL B 52 -17.61 12.72 -27.16
N LYS B 53 -17.48 13.90 -27.74
CA LYS B 53 -18.54 14.91 -27.65
C LYS B 53 -19.85 14.32 -28.19
N GLU B 54 -19.81 13.80 -29.41
CA GLU B 54 -20.99 13.22 -30.04
C GLU B 54 -21.59 12.07 -29.28
N ALA B 55 -20.75 11.17 -28.76
CA ALA B 55 -21.26 10.02 -28.00
C ALA B 55 -21.92 10.46 -26.69
N VAL B 56 -21.40 11.52 -26.08
CA VAL B 56 -21.97 12.03 -24.84
C VAL B 56 -23.35 12.59 -25.15
N ALA B 57 -23.40 13.51 -26.13
CA ALA B 57 -24.64 14.15 -26.55
C ALA B 57 -25.67 13.19 -27.13
N LYS B 58 -25.24 12.04 -27.54
CA LYS B 58 -26.15 11.09 -28.09
C LYS B 58 -26.51 9.96 -27.15
N SER B 59 -25.83 9.81 -26.03
CA SER B 59 -26.26 8.82 -25.05
C SER B 59 -26.65 9.40 -23.72
N LEU B 60 -25.74 10.11 -23.11
CA LEU B 60 -25.90 10.61 -21.77
C LEU B 60 -26.76 11.82 -21.69
N LEU B 61 -26.67 12.67 -22.71
CA LEU B 61 -27.45 13.90 -22.76
C LEU B 61 -28.79 13.50 -23.37
N TYR B 62 -29.50 12.62 -22.69
CA TYR B 62 -30.85 12.28 -23.08
C TYR B 62 -31.30 11.51 -21.91
N SER B 63 -30.68 11.84 -20.80
CA SER B 63 -31.01 11.26 -19.54
C SER B 63 -30.82 12.26 -18.45
N ASP B 64 -31.54 11.98 -17.40
CA ASP B 64 -31.71 12.79 -16.21
C ASP B 64 -30.45 13.00 -15.40
N ILE B 65 -29.39 12.38 -15.83
CA ILE B 65 -28.20 12.11 -15.07
C ILE B 65 -27.50 13.35 -14.54
N THR B 66 -27.74 14.48 -15.14
CA THR B 66 -27.12 15.69 -14.67
C THR B 66 -27.97 16.55 -13.70
N ARG B 67 -29.24 16.23 -13.49
CA ARG B 67 -30.04 16.96 -12.51
C ARG B 67 -29.34 16.89 -11.16
N PRO B 68 -29.23 18.02 -10.45
CA PRO B 68 -28.47 18.01 -9.25
C PRO B 68 -28.77 16.82 -8.41
N GLY B 69 -27.77 16.33 -7.70
CA GLY B 69 -27.90 15.06 -7.00
C GLY B 69 -27.34 13.94 -7.88
N GLY B 70 -27.45 14.20 -9.18
CA GLY B 70 -26.98 13.28 -10.21
C GLY B 70 -25.53 12.87 -10.06
N MEN B 71 -25.25 11.74 -10.67
CA MEN B 71 -23.97 11.10 -10.54
C MEN B 71 -23.25 11.87 -11.56
O MEN B 71 -22.10 12.12 -11.44
CB MEN B 71 -23.94 9.63 -10.97
CG MEN B 71 -24.94 8.74 -10.29
OD1 MEN B 71 -25.91 8.34 -10.89
ND2 MEN B 71 -24.67 8.36 -9.08
CE2 MEN B 71 -25.31 8.96 -7.92
N MET B 72 -23.92 12.39 -12.58
CA MET B 72 -23.14 13.21 -13.52
C MET B 72 -23.19 14.69 -13.14
N TYR B 73 -23.82 14.98 -12.01
CA TYR B 73 -23.94 16.35 -11.51
C TYR B 73 -22.63 16.92 -10.92
N THR B 74 -22.51 18.25 -11.00
CA THR B 74 -21.34 19.05 -10.59
C THR B 74 -20.33 19.03 -11.73
N THR B 75 -19.63 20.13 -11.93
CA THR B 75 -18.68 20.23 -13.01
C THR B 75 -17.52 19.24 -12.87
N ARG B 76 -17.19 18.89 -11.63
CA ARG B 76 -16.10 17.96 -11.37
C ARG B 76 -16.41 16.57 -11.91
N ARG B 77 -17.60 16.07 -11.56
CA ARG B 77 -18.03 14.74 -11.99
C ARG B 77 -18.31 14.70 -13.48
N TYR B 78 -18.77 15.82 -14.04
CA TYR B 78 -19.04 15.86 -15.46
C TYR B 78 -17.74 15.56 -16.18
N ALA B 79 -16.70 16.33 -15.83
CA ALA B 79 -15.37 16.16 -16.41
C ALA B 79 -14.79 14.79 -16.08
N ALA B 80 -15.03 14.31 -14.85
CA ALA B 80 -14.52 13.00 -14.43
C ALA B 80 -15.01 11.92 -15.41
N CYS B 81 -16.31 12.01 -15.73
CA CYS B 81 -16.96 11.06 -16.63
C CYS B 81 -16.48 11.22 -18.09
N ILE B 82 -16.34 12.46 -18.55
CA ILE B 82 -15.87 12.74 -19.91
C ILE B 82 -14.46 12.15 -20.07
N ARG B 83 -13.68 12.29 -19.01
CA ARG B 83 -12.31 11.79 -18.94
C ARG B 83 -12.26 10.25 -19.02
N ASP B 84 -13.22 9.57 -18.39
CA ASP B 84 -13.27 8.11 -18.45
C ASP B 84 -13.51 7.65 -19.89
N LEU B 85 -14.46 8.29 -20.56
CA LEU B 85 -14.78 7.98 -21.95
C LEU B 85 -13.53 8.14 -22.81
N GLU B 86 -12.79 9.22 -22.57
CA GLU B 86 -11.56 9.47 -23.30
C GLU B 86 -10.60 8.30 -23.07
N TYR B 87 -10.52 7.84 -21.83
CA TYR B 87 -9.65 6.72 -21.50
C TYR B 87 -10.06 5.48 -22.26
N TYR B 88 -11.36 5.19 -22.25
CA TYR B 88 -11.89 4.03 -22.95
C TYR B 88 -11.50 4.06 -24.43
N LEU B 89 -11.75 5.19 -25.07
CA LEU B 89 -11.46 5.34 -26.49
C LEU B 89 -9.98 5.15 -26.80
N ARG B 90 -9.12 5.71 -25.95
CA ARG B 90 -7.68 5.63 -26.16
C ARG B 90 -7.14 4.22 -25.95
N TYR B 91 -7.55 3.58 -24.89
CA TYR B 91 -7.09 2.26 -24.57
C TYR B 91 -7.71 1.20 -25.43
N ALA B 92 -8.92 1.43 -25.88
CA ALA B 92 -9.56 0.53 -26.79
C ALA B 92 -8.83 0.69 -28.07
N THR B 93 -8.33 1.89 -28.29
CA THR B 93 -7.50 2.14 -29.45
C THR B 93 -6.11 1.60 -29.19
N TYR B 94 -5.82 1.28 -27.93
CA TYR B 94 -4.50 0.72 -27.59
C TYR B 94 -4.51 -0.77 -27.95
N ALA B 95 -5.67 -1.38 -27.75
CA ALA B 95 -5.97 -2.81 -27.81
C ALA B 95 -6.13 -3.29 -29.25
N MET B 96 -6.86 -2.51 -30.03
CA MET B 96 -7.13 -2.81 -31.42
C MET B 96 -5.83 -2.90 -32.20
N LEU B 97 -4.92 -1.96 -31.95
CA LEU B 97 -3.65 -1.97 -32.62
C LEU B 97 -2.96 -3.29 -32.34
N ALA B 98 -2.96 -3.65 -31.05
CA ALA B 98 -2.35 -4.86 -30.51
C ALA B 98 -3.04 -6.18 -30.85
N GLY B 99 -4.34 -6.09 -31.16
CA GLY B 99 -5.11 -7.28 -31.47
C GLY B 99 -5.10 -8.20 -30.25
N ASP B 100 -5.01 -7.59 -29.07
CA ASP B 100 -4.99 -8.34 -27.83
C ASP B 100 -5.64 -7.49 -26.76
N THR B 101 -6.29 -8.12 -25.79
CA THR B 101 -6.97 -7.36 -24.75
C THR B 101 -6.24 -7.30 -23.42
N SER B 102 -5.00 -7.78 -23.39
CA SER B 102 -4.24 -7.77 -22.15
C SER B 102 -4.05 -6.36 -21.56
N ILE B 103 -3.93 -5.36 -22.42
CA ILE B 103 -3.72 -3.99 -21.96
C ILE B 103 -4.96 -3.48 -21.25
N LEU B 104 -6.12 -3.99 -21.64
CA LEU B 104 -7.37 -3.57 -21.02
C LEU B 104 -7.48 -4.19 -19.62
N ASP B 105 -7.10 -5.45 -19.49
CA ASP B 105 -7.16 -6.13 -18.19
C ASP B 105 -6.14 -5.53 -17.23
N GLU B 106 -4.95 -5.23 -17.75
CA GLU B 106 -3.85 -4.68 -16.97
C GLU B 106 -3.87 -3.19 -16.69
N ARG B 107 -4.35 -2.39 -17.64
CA ARG B 107 -4.35 -0.95 -17.42
C ARG B 107 -5.70 -0.28 -17.25
N VAL B 108 -6.79 -0.99 -17.57
CA VAL B 108 -8.11 -0.37 -17.47
C VAL B 108 -9.16 -1.03 -16.60
N LEU B 109 -9.20 -2.33 -16.59
CA LEU B 109 -10.23 -3.04 -15.90
C LEU B 109 -9.92 -3.55 -14.50
N ASN B 110 -8.68 -3.44 -14.04
CA ASN B 110 -8.29 -4.05 -12.79
C ASN B 110 -8.80 -3.31 -11.59
N GLY B 111 -9.87 -3.80 -11.01
CA GLY B 111 -10.46 -3.11 -9.90
C GLY B 111 -11.28 -1.95 -10.35
N LEU B 112 -11.74 -1.98 -11.59
CA LEU B 112 -12.56 -0.89 -12.09
C LEU B 112 -13.98 -0.97 -11.55
N LYS B 113 -14.57 -2.17 -11.63
CA LYS B 113 -15.93 -2.38 -11.15
C LYS B 113 -16.07 -2.06 -9.66
N GLU B 114 -15.15 -2.59 -8.85
CA GLU B 114 -15.20 -2.36 -7.41
C GLU B 114 -15.14 -0.87 -7.09
N THR B 115 -14.31 -0.13 -7.83
CA THR B 115 -14.18 1.30 -7.59
C THR B 115 -15.46 2.04 -7.94
N TYR B 116 -16.04 1.71 -9.08
CA TYR B 116 -17.28 2.35 -9.48
C TYR B 116 -18.34 2.04 -8.42
N ASN B 117 -18.42 0.78 -8.01
CA ASN B 117 -19.40 0.34 -7.02
C ASN B 117 -19.33 1.14 -5.72
N SER B 118 -18.16 1.21 -5.11
CA SER B 118 -18.02 1.95 -3.88
C SER B 118 -18.07 3.47 -4.11
N LEU B 119 -18.26 3.88 -5.36
CA LEU B 119 -18.35 5.31 -5.69
C LEU B 119 -19.75 5.72 -6.13
N GLY B 120 -20.57 4.74 -6.50
CA GLY B 120 -21.91 5.05 -6.93
C GLY B 120 -21.95 5.44 -8.39
N VAL B 121 -20.87 5.17 -9.12
CA VAL B 121 -20.82 5.48 -10.54
C VAL B 121 -21.68 4.41 -11.21
N PRO B 122 -22.76 4.83 -11.88
CA PRO B 122 -23.64 3.88 -12.55
C PRO B 122 -22.97 3.12 -13.69
N ILE B 123 -23.05 1.79 -13.63
CA ILE B 123 -22.45 0.96 -14.66
C ILE B 123 -23.36 0.88 -15.89
N GLY B 124 -24.66 0.98 -15.65
CA GLY B 124 -25.59 0.91 -16.76
C GLY B 124 -25.37 2.07 -17.73
N ALA B 125 -25.31 3.28 -17.21
CA ALA B 125 -25.12 4.47 -18.03
C ALA B 125 -23.75 4.52 -18.70
N THR B 126 -22.71 4.03 -18.03
CA THR B 126 -21.39 4.02 -18.63
C THR B 126 -21.39 3.08 -19.84
N VAL B 127 -21.99 1.90 -19.66
CA VAL B 127 -22.09 0.91 -20.73
C VAL B 127 -22.81 1.48 -21.94
N GLN B 128 -23.87 2.25 -21.69
CA GLN B 128 -24.63 2.86 -22.76
C GLN B 128 -23.78 3.91 -23.50
N ALA B 129 -22.93 4.59 -22.76
CA ALA B 129 -22.06 5.61 -23.33
C ALA B 129 -21.00 4.98 -24.20
N ILE B 130 -20.46 3.87 -23.77
CA ILE B 130 -19.44 3.16 -24.49
C ILE B 130 -19.95 2.64 -25.81
N GLN B 131 -21.20 2.26 -25.83
CA GLN B 131 -21.81 1.78 -27.01
C GLN B 131 -22.05 2.91 -27.95
N ALA B 132 -22.29 4.08 -27.42
CA ALA B 132 -22.42 5.23 -28.25
C ALA B 132 -21.10 5.61 -28.87
N ILE B 133 -20.02 5.34 -28.16
CA ILE B 133 -18.69 5.60 -28.69
C ILE B 133 -18.43 4.55 -29.80
N LYS B 134 -18.84 3.32 -29.55
CA LYS B 134 -18.66 2.24 -30.52
C LYS B 134 -19.26 2.70 -31.85
N GLU B 135 -20.49 3.18 -31.78
CA GLU B 135 -21.24 3.67 -32.93
C GLU B 135 -20.67 4.93 -33.59
N VAL B 136 -20.36 5.94 -32.80
CA VAL B 136 -19.82 7.16 -33.37
C VAL B 136 -18.45 6.95 -34.03
N THR B 137 -17.64 6.04 -33.51
CA THR B 137 -16.32 5.83 -34.11
C THR B 137 -16.45 5.03 -35.40
N ALA B 138 -17.41 4.12 -35.42
CA ALA B 138 -17.65 3.32 -36.62
C ALA B 138 -18.04 4.22 -37.80
N SER B 139 -18.77 5.28 -37.54
CA SER B 139 -19.19 6.18 -38.60
C SER B 139 -18.01 6.97 -39.19
N LEU B 140 -16.94 7.10 -38.43
CA LEU B 140 -15.75 7.82 -38.88
C LEU B 140 -14.70 6.88 -39.46
N VAL B 141 -14.65 5.69 -38.89
CA VAL B 141 -13.67 4.69 -39.24
C VAL B 141 -14.08 3.68 -40.32
N GLY B 142 -15.34 3.63 -40.66
CA GLY B 142 -15.81 2.66 -41.62
C GLY B 142 -16.38 1.43 -40.98
N PRO B 143 -17.20 0.68 -41.69
CA PRO B 143 -17.83 -0.50 -41.12
C PRO B 143 -16.88 -1.63 -40.83
N ASP B 144 -15.82 -1.73 -41.58
CA ASP B 144 -14.88 -2.77 -41.42
C ASP B 144 -14.04 -2.60 -40.19
N ALA B 145 -13.40 -1.45 -40.07
CA ALA B 145 -12.60 -1.14 -38.89
C ALA B 145 -13.49 -0.84 -37.69
N GLY B 146 -14.77 -0.55 -37.97
CA GLY B 146 -15.69 -0.23 -36.90
C GLY B 146 -16.01 -1.43 -36.05
N ARG B 147 -16.21 -2.56 -36.73
CA ARG B 147 -16.51 -3.83 -36.08
C ARG B 147 -15.33 -4.27 -35.21
N GLU B 148 -14.12 -4.07 -35.69
CA GLU B 148 -12.90 -4.45 -34.97
C GLU B 148 -12.74 -3.63 -33.67
N MET B 149 -13.09 -2.35 -33.72
CA MET B 149 -13.02 -1.48 -32.54
C MET B 149 -14.14 -1.87 -31.58
N GLY B 150 -15.28 -2.29 -32.14
CA GLY B 150 -16.39 -2.69 -31.30
C GLY B 150 -15.97 -3.81 -30.36
N VAL B 151 -15.24 -4.78 -30.88
CA VAL B 151 -14.77 -5.92 -30.07
C VAL B 151 -14.13 -5.43 -28.78
N TYR B 152 -13.23 -4.46 -28.91
CA TYR B 152 -12.53 -3.95 -27.77
C TYR B 152 -13.37 -3.00 -26.91
N LEU B 153 -14.21 -2.20 -27.53
CA LEU B 153 -15.05 -1.31 -26.74
C LEU B 153 -16.02 -2.17 -25.95
N ASP B 154 -16.50 -3.25 -26.57
CA ASP B 154 -17.43 -4.17 -25.91
C ASP B 154 -16.74 -4.83 -24.73
N TYR B 155 -15.49 -5.25 -24.94
CA TYR B 155 -14.74 -5.90 -23.89
C TYR B 155 -14.71 -5.07 -22.61
N ILE B 156 -14.30 -3.81 -22.69
CA ILE B 156 -14.27 -2.98 -21.52
C ILE B 156 -15.64 -3.03 -20.92
N SER B 157 -16.62 -2.75 -21.76
CA SER B 157 -18.02 -2.75 -21.36
C SER B 157 -18.43 -4.01 -20.59
N SER B 158 -18.19 -5.18 -21.16
CA SER B 158 -18.63 -6.38 -20.52
C SER B 158 -17.75 -6.81 -19.38
N GLY B 159 -16.88 -5.92 -18.96
CA GLY B 159 -15.95 -6.22 -17.89
C GLY B 159 -16.34 -5.55 -16.58
N LEU B 160 -17.20 -4.54 -16.68
CA LEU B 160 -17.66 -3.81 -15.51
C LEU B 160 -18.96 -4.40 -14.97
N SER B 161 -19.78 -4.84 -15.90
CA SER B 161 -21.05 -5.39 -15.59
C SER B 161 -20.96 -6.38 -14.42
N SER C 1 -15.89 26.66 5.71
CA SER C 1 -15.88 27.80 6.58
C SER C 1 -14.62 27.87 7.32
N ILE C 2 -14.55 28.83 8.19
CA ILE C 2 -13.38 29.03 8.96
C ILE C 2 -13.31 27.96 10.04
N VAL C 3 -14.42 27.33 10.36
CA VAL C 3 -14.44 26.35 11.39
C VAL C 3 -13.63 25.13 10.99
N SER C 4 -13.97 24.55 9.86
CA SER C 4 -13.29 23.37 9.40
C SER C 4 -11.95 23.68 8.89
N LYS C 5 -11.72 24.88 8.44
CA LYS C 5 -10.42 25.26 7.98
C LYS C 5 -9.48 25.32 9.09
N SER C 6 -9.97 25.75 10.24
CA SER C 6 -9.18 25.93 11.41
C SER C 6 -8.88 24.61 12.06
N ILE C 7 -9.79 23.68 11.89
CA ILE C 7 -9.66 22.36 12.42
C ILE C 7 -8.64 21.59 11.65
N VAL C 8 -8.75 21.70 10.37
CA VAL C 8 -7.79 21.08 9.45
C VAL C 8 -6.38 21.51 9.77
N ASN C 9 -6.20 22.81 10.05
CA ASN C 9 -4.87 23.31 10.40
C ASN C 9 -4.38 22.66 11.68
N ALA C 10 -5.17 22.82 12.73
CA ALA C 10 -4.83 22.25 14.04
C ALA C 10 -4.61 20.74 13.98
N ASP C 11 -5.47 20.01 13.28
CA ASP C 11 -5.29 18.57 13.22
C ASP C 11 -3.99 18.18 12.53
N ALA C 12 -3.59 18.93 11.52
CA ALA C 12 -2.36 18.61 10.80
C ALA C 12 -1.19 18.71 11.77
N GLU C 13 -1.23 19.74 12.62
CA GLU C 13 -0.18 19.94 13.61
C GLU C 13 -0.44 19.14 14.88
N ALA C 14 -1.50 18.33 14.85
CA ALA C 14 -1.87 17.50 15.99
C ALA C 14 -1.95 18.34 17.26
N ARG C 15 -2.73 19.40 17.23
CA ARG C 15 -2.90 20.27 18.38
C ARG C 15 -4.33 20.81 18.49
N TYR C 16 -4.60 21.52 19.57
CA TYR C 16 -5.88 22.17 19.78
C TYR C 16 -5.82 23.45 19.01
N LEU C 17 -6.96 24.02 18.75
CA LEU C 17 -7.02 25.26 18.04
C LEU C 17 -6.30 26.40 18.71
N SER C 18 -5.62 27.21 17.93
CA SER C 18 -4.84 28.31 18.50
C SER C 18 -5.78 29.42 18.97
N PRO C 19 -5.29 30.35 19.80
CA PRO C 19 -6.23 31.39 20.22
C PRO C 19 -6.68 32.26 19.03
N GLY C 20 -5.79 32.39 18.05
CA GLY C 20 -6.11 33.16 16.86
C GLY C 20 -7.25 32.52 16.09
N GLU C 21 -7.22 31.18 16.01
CA GLU C 21 -8.23 30.45 15.28
C GLU C 21 -9.61 30.53 15.95
N LEU C 22 -9.62 30.47 17.28
CA LEU C 22 -10.89 30.57 18.00
C LEU C 22 -11.48 31.98 17.85
N GLU C 23 -10.63 33.00 17.91
CA GLU C 23 -11.10 34.39 17.76
C GLU C 23 -11.84 34.53 16.43
N ARG C 24 -11.21 34.01 15.37
CA ARG C 24 -11.82 34.07 14.04
C ARG C 24 -13.13 33.33 13.95
N ILE C 25 -13.26 32.23 14.69
CA ILE C 25 -14.51 31.49 14.67
C ILE C 25 -15.59 32.40 15.24
N LYS C 26 -15.27 33.04 16.37
CA LYS C 26 -16.21 33.97 17.00
C LYS C 26 -16.59 35.07 16.01
N THR C 27 -15.60 35.77 15.45
CA THR C 27 -15.88 36.84 14.51
C THR C 27 -16.79 36.37 13.38
N PHE C 28 -16.41 35.29 12.72
CA PHE C 28 -17.20 34.74 11.62
C PHE C 28 -18.63 34.38 12.07
N VAL C 29 -18.74 33.76 13.24
CA VAL C 29 -20.04 33.36 13.74
C VAL C 29 -20.96 34.52 14.11
N VAL C 30 -20.44 35.50 14.85
CA VAL C 30 -21.23 36.66 15.24
C VAL C 30 -21.82 37.36 14.02
N GLY C 31 -21.10 37.33 12.91
CA GLY C 31 -21.57 37.96 11.68
C GLY C 31 -22.40 37.05 10.80
N GLY C 32 -22.67 35.83 11.27
CA GLY C 32 -23.46 34.89 10.50
C GLY C 32 -24.80 35.41 10.01
N ASP C 33 -25.49 36.17 10.84
CA ASP C 33 -26.79 36.73 10.49
C ASP C 33 -26.71 37.52 9.19
N ARG C 34 -25.90 38.58 9.20
CA ARG C 34 -25.74 39.44 8.03
C ARG C 34 -25.65 38.61 6.75
N ARG C 35 -24.83 37.55 6.79
CA ARG C 35 -24.66 36.68 5.66
C ARG C 35 -25.96 36.00 5.23
N LEU C 36 -26.75 35.57 6.18
CA LEU C 36 -27.98 34.92 5.83
C LEU C 36 -28.96 35.89 5.23
N ARG C 37 -28.80 37.15 5.54
CA ARG C 37 -29.64 38.17 5.00
C ARG C 37 -29.34 38.26 3.53
N ILE C 38 -28.08 38.22 3.19
CA ILE C 38 -27.67 38.33 1.83
C ILE C 38 -28.12 37.17 0.99
N ALA C 39 -27.93 35.97 1.48
CA ALA C 39 -28.37 34.81 0.71
C ALA C 39 -29.86 34.96 0.46
N GLN C 40 -30.56 35.34 1.52
CA GLN C 40 -32.00 35.54 1.52
C GLN C 40 -32.51 36.50 0.43
N THR C 41 -31.96 37.70 0.36
CA THR C 41 -32.42 38.66 -0.63
C THR C 41 -32.08 38.26 -2.06
N ILE C 42 -30.93 37.61 -2.25
CA ILE C 42 -30.54 37.15 -3.58
C ILE C 42 -31.57 36.12 -4.03
N ALA C 43 -31.83 35.16 -3.17
CA ALA C 43 -32.79 34.08 -3.45
C ALA C 43 -34.20 34.54 -3.80
N GLU C 44 -34.72 35.50 -3.04
CA GLU C 44 -36.07 36.02 -3.26
C GLU C 44 -36.27 36.74 -4.58
N SER C 45 -35.19 37.11 -5.24
CA SER C 45 -35.29 37.81 -6.50
C SER C 45 -34.42 37.08 -7.54
N ARG C 46 -34.25 35.77 -7.33
CA ARG C 46 -33.45 34.95 -8.24
C ARG C 46 -33.96 35.05 -9.66
N GLU C 47 -35.28 34.97 -9.81
CA GLU C 47 -35.89 35.05 -11.14
C GLU C 47 -35.54 36.37 -11.82
N ARG C 48 -35.68 37.49 -11.13
CA ARG C 48 -35.37 38.78 -11.76
C ARG C 48 -33.90 38.97 -12.05
N ILE C 49 -33.04 38.47 -11.19
CA ILE C 49 -31.61 38.63 -11.36
C ILE C 49 -31.08 37.93 -12.61
N VAL C 50 -31.41 36.65 -12.74
CA VAL C 50 -30.97 35.86 -13.87
C VAL C 50 -31.55 36.41 -15.16
N LYS C 51 -32.87 36.55 -15.18
CA LYS C 51 -33.59 37.05 -16.35
C LYS C 51 -33.01 38.36 -16.86
N GLN C 52 -32.64 39.23 -15.92
CA GLN C 52 -32.06 40.53 -16.23
C GLN C 52 -30.60 40.38 -16.64
N ALA C 53 -29.92 39.43 -16.03
CA ALA C 53 -28.52 39.21 -16.37
C ALA C 53 -28.46 38.58 -17.75
N GLY C 54 -29.45 37.75 -18.07
CA GLY C 54 -29.50 37.10 -19.36
C GLY C 54 -29.73 38.04 -20.52
N ASN C 55 -30.48 39.10 -20.26
CA ASN C 55 -30.78 40.10 -21.29
C ASN C 55 -29.55 40.92 -21.63
N GLN C 56 -29.00 41.59 -20.63
CA GLN C 56 -27.81 42.41 -20.83
C GLN C 56 -26.73 41.55 -21.47
N LEU C 57 -26.71 40.27 -21.12
CA LEU C 57 -25.72 39.34 -21.66
C LEU C 57 -25.92 39.07 -23.15
N PHE C 58 -27.15 38.78 -23.55
CA PHE C 58 -27.41 38.52 -24.96
C PHE C 58 -27.36 39.82 -25.76
N GLN C 59 -27.53 40.93 -25.05
CA GLN C 59 -27.52 42.24 -25.66
C GLN C 59 -26.09 42.57 -26.06
N LYS C 60 -25.15 42.00 -25.36
CA LYS C 60 -23.76 42.24 -25.64
C LYS C 60 -23.16 41.04 -26.30
N ARG C 61 -23.92 39.95 -26.33
CA ARG C 61 -23.46 38.71 -26.96
C ARG C 61 -24.48 38.21 -27.97
N PRO C 62 -24.95 39.10 -28.82
CA PRO C 62 -25.95 38.76 -29.85
C PRO C 62 -25.47 37.61 -30.74
N ASP C 63 -24.18 37.31 -30.70
CA ASP C 63 -23.63 36.23 -31.52
C ASP C 63 -23.84 34.86 -30.86
N VAL C 64 -24.10 34.88 -29.56
CA VAL C 64 -24.32 33.65 -28.80
C VAL C 64 -25.74 33.15 -28.89
N VAL C 65 -26.63 34.02 -29.35
CA VAL C 65 -28.01 33.70 -29.37
C VAL C 65 -28.55 33.83 -30.77
N SER C 66 -27.67 34.02 -31.73
CA SER C 66 -28.08 34.16 -33.10
C SER C 66 -27.64 32.93 -33.80
N PRO C 67 -28.23 32.63 -34.96
CA PRO C 67 -28.00 31.32 -35.58
C PRO C 67 -26.53 30.89 -35.59
N GLY C 68 -26.30 29.61 -35.31
CA GLY C 68 -24.96 29.08 -35.27
C GLY C 68 -24.39 29.15 -33.86
N GLY C 69 -24.96 30.03 -33.04
CA GLY C 69 -24.50 30.20 -31.68
C GLY C 69 -24.77 28.98 -30.81
N ASN C 70 -24.13 28.94 -29.65
CA ASN C 70 -24.29 27.83 -28.71
C ASN C 70 -25.61 27.90 -27.98
N ALA C 71 -26.02 29.11 -27.64
CA ALA C 71 -27.27 29.32 -26.93
C ALA C 71 -28.36 29.78 -27.88
N TYR C 72 -28.30 29.33 -29.13
CA TYR C 72 -29.30 29.69 -30.13
C TYR C 72 -30.52 28.78 -30.02
N GLY C 73 -31.70 29.39 -29.92
CA GLY C 73 -32.91 28.61 -29.80
C GLY C 73 -33.44 28.67 -28.39
N GLU C 74 -34.75 28.64 -28.22
CA GLU C 74 -35.36 28.72 -26.90
C GLU C 74 -35.01 27.58 -25.98
N ASP C 75 -34.59 26.46 -26.51
CA ASP C 75 -34.20 25.36 -25.64
C ASP C 75 -32.81 25.60 -25.09
N MET C 76 -31.92 26.09 -25.93
CA MET C 76 -30.57 26.43 -25.52
C MET C 76 -30.49 27.67 -24.63
N THR C 77 -31.15 28.75 -25.04
CA THR C 77 -31.18 29.97 -24.26
C THR C 77 -31.75 29.71 -22.87
N ALA C 78 -32.67 28.75 -22.79
CA ALA C 78 -33.27 28.38 -21.51
C ALA C 78 -32.25 27.76 -20.58
N THR C 79 -31.50 26.78 -21.10
CA THR C 79 -30.46 26.13 -20.33
C THR C 79 -29.38 27.12 -19.93
N CYS C 80 -29.02 27.98 -20.88
CA CYS C 80 -28.01 29.01 -20.63
C CYS C 80 -28.39 29.84 -19.41
N LEU C 81 -29.64 30.28 -19.38
CA LEU C 81 -30.15 31.06 -18.26
C LEU C 81 -30.13 30.22 -16.98
N ARG C 82 -30.28 28.90 -17.13
CA ARG C 82 -30.26 27.96 -16.00
C ARG C 82 -28.86 27.79 -15.42
N ASP C 83 -27.84 28.05 -16.23
CA ASP C 83 -26.48 27.94 -15.76
C ASP C 83 -26.22 29.18 -14.93
N LEU C 84 -26.82 30.28 -15.37
CA LEU C 84 -26.68 31.54 -14.66
C LEU C 84 -27.33 31.43 -13.30
N ASP C 85 -28.43 30.69 -13.21
CA ASP C 85 -29.11 30.50 -11.94
C ASP C 85 -28.24 29.59 -11.09
N TYR C 86 -27.51 28.70 -11.74
CA TYR C 86 -26.62 27.77 -11.06
C TYR C 86 -25.52 28.49 -10.32
N TYR C 87 -24.95 29.49 -10.93
CA TYR C 87 -23.82 30.13 -10.36
C TYR C 87 -24.25 31.15 -9.35
N LEU C 88 -25.48 31.55 -9.43
CA LEU C 88 -26.03 32.49 -8.54
C LEU C 88 -26.29 31.82 -7.24
N ARG C 89 -26.86 30.65 -7.32
CA ARG C 89 -27.04 29.81 -6.15
C ARG C 89 -25.72 29.49 -5.47
N LEU C 90 -24.69 29.21 -6.27
CA LEU C 90 -23.36 28.91 -5.75
C LEU C 90 -22.77 30.09 -5.00
N VAL C 91 -22.95 31.28 -5.53
CA VAL C 91 -22.43 32.48 -4.87
C VAL C 91 -23.07 32.65 -3.48
N THR C 92 -24.34 32.28 -3.34
CA THR C 92 -24.99 32.45 -2.04
C THR C 92 -24.41 31.46 -1.04
N TYR C 93 -23.97 30.30 -1.53
CA TYR C 93 -23.37 29.27 -0.67
C TYR C 93 -22.01 29.76 -0.18
N GLY C 94 -21.37 30.58 -1.01
CA GLY C 94 -20.08 31.10 -0.65
C GLY C 94 -20.19 32.15 0.43
N VAL C 95 -21.07 33.12 0.22
CA VAL C 95 -21.30 34.20 1.15
C VAL C 95 -21.65 33.66 2.53
N VAL C 96 -22.52 32.66 2.55
CA VAL C 96 -22.97 32.07 3.80
C VAL C 96 -21.83 31.41 4.56
N SER C 97 -21.05 30.58 3.88
CA SER C 97 -19.93 29.88 4.52
C SER C 97 -18.68 30.74 4.61
N GLY C 98 -18.68 31.88 3.91
CA GLY C 98 -17.52 32.75 3.91
C GLY C 98 -16.37 31.94 3.36
N ASP C 99 -16.72 30.87 2.66
CA ASP C 99 -15.72 29.99 2.06
C ASP C 99 -16.05 29.71 0.60
N ILE C 100 -15.01 29.46 -0.20
CA ILE C 100 -15.18 29.17 -1.62
C ILE C 100 -15.06 27.68 -1.90
N THR C 101 -14.82 26.90 -0.86
CA THR C 101 -14.68 25.46 -0.99
C THR C 101 -15.94 24.84 -1.61
N PRO C 102 -17.07 25.52 -1.45
CA PRO C 102 -18.33 25.04 -1.99
C PRO C 102 -18.48 25.37 -3.47
N ILE C 103 -18.17 26.60 -3.85
CA ILE C 103 -18.27 27.03 -5.23
C ILE C 103 -17.29 26.22 -6.08
N GLU C 104 -16.11 25.99 -5.53
CA GLU C 104 -15.06 25.27 -6.21
C GLU C 104 -15.43 23.82 -6.54
N GLU C 105 -15.83 23.09 -5.51
CA GLU C 105 -16.18 21.69 -5.67
C GLU C 105 -17.41 21.42 -6.51
N ILE C 106 -18.37 22.33 -6.46
CA ILE C 106 -19.60 22.19 -7.22
C ILE C 106 -19.51 22.65 -8.68
N GLY C 107 -18.95 23.84 -8.90
CA GLY C 107 -18.91 24.34 -10.27
C GLY C 107 -17.66 24.95 -10.88
N ILE C 108 -16.48 24.56 -10.39
CA ILE C 108 -15.23 25.09 -10.91
C ILE C 108 -14.25 24.02 -11.39
N VAL C 109 -14.08 22.98 -10.59
CA VAL C 109 -13.17 21.90 -10.92
C VAL C 109 -13.74 21.14 -12.12
N GLY C 110 -13.01 21.17 -13.23
CA GLY C 110 -13.44 20.49 -14.45
C GLY C 110 -14.41 21.29 -15.30
N VAL C 111 -14.52 22.57 -15.01
CA VAL C 111 -15.47 23.45 -15.67
C VAL C 111 -15.01 23.77 -17.07
N ARG C 112 -13.73 23.78 -17.31
CA ARG C 112 -13.28 24.05 -18.64
C ARG C 112 -13.37 22.88 -19.58
N GLU C 113 -13.24 21.67 -19.06
CA GLU C 113 -13.40 20.52 -19.89
C GLU C 113 -14.83 20.34 -20.22
N MET C 114 -15.67 20.58 -19.26
CA MET C 114 -17.13 20.46 -19.43
C MET C 114 -17.70 21.34 -20.54
N TYR C 115 -17.40 22.64 -20.48
CA TYR C 115 -17.90 23.58 -21.48
C TYR C 115 -17.25 23.42 -22.85
N LYS C 116 -16.00 23.00 -22.90
CA LYS C 116 -15.32 22.82 -24.17
C LYS C 116 -15.93 21.65 -24.96
N SER C 117 -16.51 20.67 -24.26
CA SER C 117 -17.13 19.53 -24.93
C SER C 117 -18.57 19.83 -25.32
N LEU C 118 -19.16 20.85 -24.71
CA LEU C 118 -20.52 21.25 -25.04
C LEU C 118 -20.41 22.31 -26.13
N GLY C 119 -19.18 22.74 -26.40
CA GLY C 119 -18.94 23.74 -27.42
C GLY C 119 -19.45 25.12 -27.01
N THR C 120 -19.37 25.41 -25.71
CA THR C 120 -19.82 26.69 -25.19
C THR C 120 -18.64 27.61 -24.89
N PRO C 121 -18.68 28.83 -25.42
CA PRO C 121 -17.61 29.81 -25.20
C PRO C 121 -17.51 30.27 -23.73
N ILE C 122 -16.50 29.81 -23.01
CA ILE C 122 -16.45 30.16 -21.59
C ILE C 122 -16.43 31.68 -21.41
N GLU C 123 -15.53 32.38 -22.09
CA GLU C 123 -15.52 33.83 -21.91
C GLU C 123 -16.97 34.25 -21.72
N ALA C 124 -17.81 33.77 -22.62
CA ALA C 124 -19.21 34.18 -22.62
C ALA C 124 -19.91 33.92 -21.29
N VAL C 125 -19.59 32.82 -20.65
CA VAL C 125 -20.21 32.45 -19.40
C VAL C 125 -19.63 33.32 -18.29
N ALA C 126 -18.41 33.81 -18.51
CA ALA C 126 -17.76 34.68 -17.55
C ALA C 126 -18.41 36.06 -17.59
N GLU C 127 -18.70 36.53 -18.80
CA GLU C 127 -19.38 37.81 -18.98
C GLU C 127 -20.79 37.74 -18.42
N GLY C 128 -21.39 36.55 -18.49
CA GLY C 128 -22.71 36.33 -17.96
C GLY C 128 -22.74 36.49 -16.45
N VAL C 129 -21.70 35.98 -15.79
CA VAL C 129 -21.59 36.10 -14.35
C VAL C 129 -21.34 37.57 -13.96
N ARG C 130 -20.76 38.35 -14.87
CA ARG C 130 -20.53 39.76 -14.60
C ARG C 130 -21.88 40.45 -14.58
N GLU C 131 -22.80 39.94 -15.39
CA GLU C 131 -24.13 40.50 -15.46
C GLU C 131 -24.93 40.14 -14.21
N LEU C 132 -24.74 38.91 -13.73
CA LEU C 132 -25.42 38.45 -12.53
C LEU C 132 -24.93 39.31 -11.38
N LYS C 133 -23.62 39.59 -11.36
CA LYS C 133 -23.01 40.38 -10.31
C LYS C 133 -23.69 41.73 -10.08
N SER C 134 -23.64 42.63 -11.07
CA SER C 134 -24.27 43.93 -10.90
C SER C 134 -25.75 43.79 -10.63
N ALA C 135 -26.42 42.85 -11.30
CA ALA C 135 -27.85 42.67 -11.08
C ALA C 135 -28.17 42.33 -9.62
N ALA C 136 -27.34 41.47 -9.01
CA ALA C 136 -27.54 41.07 -7.63
C ALA C 136 -27.08 42.12 -6.63
N THR C 137 -25.81 42.53 -6.71
CA THR C 137 -25.29 43.53 -5.78
C THR C 137 -26.20 44.75 -5.73
N ALA C 138 -26.67 45.17 -6.89
CA ALA C 138 -27.56 46.32 -6.99
C ALA C 138 -28.71 46.19 -6.00
N LEU C 139 -29.14 44.95 -5.80
CA LEU C 139 -30.25 44.65 -4.89
C LEU C 139 -29.82 44.69 -3.42
N LEU C 140 -28.51 44.78 -3.19
CA LEU C 140 -27.98 44.81 -1.83
C LEU C 140 -27.50 46.21 -1.49
N THR C 141 -27.44 46.48 -0.19
CA THR C 141 -27.07 47.77 0.31
C THR C 141 -25.68 47.73 0.82
N GLY C 142 -24.98 48.85 0.71
CA GLY C 142 -23.73 49.06 1.39
C GLY C 142 -22.71 47.98 1.25
N GLU C 143 -22.10 47.67 2.35
CA GLU C 143 -21.07 46.67 2.37
C GLU C 143 -21.52 45.26 2.00
N ASP C 144 -22.80 44.98 2.13
CA ASP C 144 -23.33 43.71 1.69
C ASP C 144 -23.11 43.50 0.21
N ALA C 145 -22.97 44.58 -0.52
CA ALA C 145 -22.67 44.53 -1.95
C ALA C 145 -21.22 44.13 -2.19
N ASP C 146 -20.32 44.69 -1.42
CA ASP C 146 -18.90 44.39 -1.55
C ASP C 146 -18.59 42.98 -1.07
N GLU C 147 -19.47 42.43 -0.23
CA GLU C 147 -19.28 41.07 0.28
C GLU C 147 -19.67 40.06 -0.80
N ALA C 148 -20.93 40.13 -1.23
CA ALA C 148 -21.43 39.23 -2.26
C ALA C 148 -20.62 39.36 -3.56
N GLY C 149 -20.16 40.58 -3.85
CA GLY C 149 -19.39 40.82 -5.06
C GLY C 149 -18.02 40.17 -5.15
N ALA C 150 -17.40 39.86 -4.02
CA ALA C 150 -16.07 39.22 -4.03
C ALA C 150 -16.15 37.78 -4.54
N TYR C 151 -17.28 37.12 -4.27
CA TYR C 151 -17.50 35.76 -4.73
C TYR C 151 -17.81 35.73 -6.22
N PHE C 152 -18.64 36.66 -6.67
CA PHE C 152 -18.93 36.74 -8.08
C PHE C 152 -17.57 36.90 -8.77
N ASP C 153 -16.72 37.74 -8.20
CA ASP C 153 -15.40 37.97 -8.74
C ASP C 153 -14.62 36.66 -8.78
N TYR C 154 -14.83 35.82 -7.78
CA TYR C 154 -14.12 34.55 -7.76
C TYR C 154 -14.51 33.73 -8.98
N VAL C 155 -15.82 33.48 -9.12
CA VAL C 155 -16.34 32.70 -10.23
C VAL C 155 -15.94 33.27 -11.59
N ILE C 156 -15.92 34.60 -11.73
CA ILE C 156 -15.54 35.27 -12.97
C ILE C 156 -14.12 34.92 -13.36
N GLY C 157 -13.19 35.12 -12.44
CA GLY C 157 -11.80 34.83 -12.70
C GLY C 157 -11.55 33.36 -12.99
N ALA C 158 -12.34 32.48 -12.38
CA ALA C 158 -12.20 31.05 -12.59
C ALA C 158 -12.64 30.65 -13.99
N LEU C 159 -13.60 31.41 -14.52
CA LEU C 159 -14.13 31.17 -15.86
C LEU C 159 -13.38 31.90 -16.97
N SER C 160 -12.08 32.17 -16.77
CA SER C 160 -11.29 32.85 -17.80
C SER C 160 -9.79 32.80 -17.50
N MET D 1 -14.03 15.57 5.94
CA MET D 1 -14.06 16.69 6.91
C MET D 1 -15.07 17.75 6.46
N GLN D 2 -16.19 17.82 7.16
CA GLN D 2 -17.25 18.77 6.91
C GLN D 2 -17.52 19.69 8.09
N ASP D 3 -18.21 20.76 7.79
CA ASP D 3 -18.62 21.74 8.74
C ASP D 3 -20.10 21.62 8.82
N ALA D 4 -20.71 22.14 9.86
CA ALA D 4 -22.17 22.12 9.97
C ALA D 4 -22.77 22.93 8.82
N ILE D 5 -22.21 24.12 8.59
CA ILE D 5 -22.64 25.03 7.53
C ILE D 5 -22.55 24.33 6.17
N THR D 6 -21.43 23.65 5.94
CA THR D 6 -21.23 22.91 4.69
C THR D 6 -22.22 21.74 4.59
N ALA D 7 -22.51 21.09 5.72
CA ALA D 7 -23.44 19.98 5.72
C ALA D 7 -24.79 20.49 5.21
N VAL D 8 -25.24 21.61 5.77
CA VAL D 8 -26.51 22.22 5.38
C VAL D 8 -26.53 22.58 3.89
N ILE D 9 -25.42 23.15 3.40
CA ILE D 9 -25.31 23.55 2.00
C ILE D 9 -25.42 22.35 1.05
N ASN D 10 -24.70 21.29 1.34
CA ASN D 10 -24.72 20.10 0.48
C ASN D 10 -26.10 19.45 0.46
N ALA D 11 -26.79 19.48 1.60
CA ALA D 11 -28.12 18.88 1.70
C ALA D 11 -29.10 19.54 0.73
N SER D 12 -28.97 20.85 0.55
CA SER D 12 -29.87 21.54 -0.37
C SER D 12 -29.36 21.53 -1.82
N ASP D 13 -28.05 21.43 -2.00
CA ASP D 13 -27.50 21.39 -3.36
C ASP D 13 -27.87 20.08 -4.05
N VAL D 14 -27.96 18.99 -3.29
CA VAL D 14 -28.31 17.69 -3.85
C VAL D 14 -29.74 17.79 -4.36
N GLN D 15 -30.39 18.87 -3.96
CA GLN D 15 -31.76 19.13 -4.36
C GLN D 15 -31.81 20.30 -5.35
N GLY D 16 -30.66 20.88 -5.63
CA GLY D 16 -30.61 22.01 -6.55
C GLY D 16 -31.44 23.14 -5.99
N LYS D 17 -31.47 23.23 -4.66
CA LYS D 17 -32.24 24.27 -4.00
C LYS D 17 -31.45 25.38 -3.37
N TYR D 18 -32.01 26.58 -3.40
CA TYR D 18 -31.39 27.71 -2.74
C TYR D 18 -31.68 27.42 -1.24
N LEU D 19 -30.96 28.06 -0.36
CA LEU D 19 -31.25 27.93 1.05
C LEU D 19 -32.61 28.47 1.37
N ASP D 20 -33.37 27.63 2.03
CA ASP D 20 -34.74 27.85 2.33
C ASP D 20 -34.77 28.32 3.76
N SER D 21 -35.88 28.82 4.20
CA SER D 21 -35.95 29.46 5.50
C SER D 21 -35.64 28.51 6.65
N SER D 22 -36.11 27.27 6.58
CA SER D 22 -35.83 26.32 7.66
C SER D 22 -34.34 25.98 7.63
N ALA D 23 -33.78 25.95 6.43
CA ALA D 23 -32.36 25.67 6.25
C ALA D 23 -31.57 26.81 6.87
N LEU D 24 -32.02 28.04 6.58
CA LEU D 24 -31.41 29.24 7.18
C LEU D 24 -31.48 29.20 8.71
N ASP D 25 -32.60 28.75 9.20
CA ASP D 25 -32.78 28.54 10.60
C ASP D 25 -31.81 27.54 11.12
N ARG D 26 -31.46 26.53 10.36
CA ARG D 26 -30.47 25.60 10.86
C ARG D 26 -29.17 26.27 11.04
N LEU D 27 -28.87 27.19 10.17
CA LEU D 27 -27.62 27.85 10.21
C LEU D 27 -27.67 28.86 11.29
N LYS D 28 -28.77 29.57 11.39
CA LYS D 28 -28.95 30.52 12.48
C LYS D 28 -28.56 29.89 13.83
N SER D 29 -29.14 28.74 14.15
CA SER D 29 -28.85 28.07 15.41
C SER D 29 -27.40 27.64 15.55
N TYR D 30 -26.79 27.16 14.48
CA TYR D 30 -25.39 26.77 14.55
C TYR D 30 -24.60 28.01 14.93
N PHE D 31 -24.88 29.13 14.27
CA PHE D 31 -24.19 30.38 14.56
C PHE D 31 -24.43 30.75 16.03
N GLN D 32 -25.70 30.82 16.42
CA GLN D 32 -26.06 31.15 17.81
C GLN D 32 -25.33 30.27 18.84
N SER D 33 -25.03 29.03 18.47
CA SER D 33 -24.32 28.14 19.40
C SER D 33 -22.82 28.29 19.25
N GLY D 34 -22.41 29.26 18.41
CA GLY D 34 -21.00 29.48 18.14
C GLY D 34 -20.04 29.76 19.28
N GLU D 35 -20.26 30.84 20.03
CA GLU D 35 -19.39 31.20 21.13
C GLU D 35 -19.35 30.22 22.27
N LEU D 36 -20.45 29.49 22.46
CA LEU D 36 -20.50 28.50 23.51
C LEU D 36 -19.60 27.33 23.14
N ARG D 37 -19.52 27.05 21.86
CA ARG D 37 -18.63 26.03 21.36
C ARG D 37 -17.19 26.46 21.39
N VAL D 38 -16.92 27.66 20.88
CA VAL D 38 -15.56 28.18 20.86
C VAL D 38 -15.07 28.54 22.26
N ARG D 39 -15.82 28.14 23.27
CA ARG D 39 -15.46 28.42 24.65
C ARG D 39 -15.23 27.13 25.44
N ALA D 40 -16.08 26.14 25.20
CA ALA D 40 -15.98 24.89 25.86
C ALA D 40 -14.70 24.28 25.37
N ALA D 41 -14.40 24.52 24.10
CA ALA D 41 -13.19 24.03 23.50
C ALA D 41 -11.98 24.73 24.06
N ALA D 42 -12.19 25.88 24.64
CA ALA D 42 -11.10 26.64 25.24
C ALA D 42 -10.67 26.02 26.57
N THR D 43 -11.64 25.79 27.44
CA THR D 43 -11.37 25.19 28.74
C THR D 43 -10.88 23.76 28.58
N ILE D 44 -11.47 23.03 27.63
CA ILE D 44 -11.08 21.66 27.36
C ILE D 44 -9.60 21.66 27.02
N SER D 45 -9.23 22.46 26.04
CA SER D 45 -7.83 22.55 25.64
C SER D 45 -6.88 22.73 26.83
N ALA D 46 -7.25 23.62 27.73
CA ALA D 46 -6.42 23.91 28.89
C ALA D 46 -6.37 22.77 29.92
N ASN D 47 -7.41 21.93 29.96
CA ASN D 47 -7.45 20.82 30.91
C ASN D 47 -7.39 19.45 30.28
N SER D 48 -6.90 19.38 29.05
CA SER D 48 -6.83 18.09 28.34
C SER D 48 -6.00 17.05 29.05
N ALA D 49 -4.88 17.46 29.66
CA ALA D 49 -4.02 16.52 30.36
C ALA D 49 -4.69 16.04 31.63
N LEU D 50 -5.33 16.98 32.34
CA LEU D 50 -6.04 16.67 33.57
C LEU D 50 -7.24 15.76 33.30
N ILE D 51 -8.05 16.11 32.30
CA ILE D 51 -9.23 15.33 31.94
C ILE D 51 -8.91 13.84 31.72
N VAL D 52 -7.96 13.58 30.84
CA VAL D 52 -7.57 12.21 30.55
C VAL D 52 -7.03 11.56 31.81
N LYS D 53 -6.33 12.33 32.64
CA LYS D 53 -5.77 11.80 33.88
C LYS D 53 -6.84 11.32 34.85
N GLU D 54 -7.82 12.16 35.12
CA GLU D 54 -8.91 11.79 36.02
C GLU D 54 -9.71 10.63 35.43
N ALA D 55 -9.78 10.59 34.10
CA ALA D 55 -10.51 9.53 33.42
C ALA D 55 -9.82 8.18 33.59
N VAL D 56 -8.50 8.15 33.50
CA VAL D 56 -7.74 6.91 33.66
C VAL D 56 -7.80 6.48 35.12
N ALA D 57 -7.71 7.45 36.00
CA ALA D 57 -7.69 7.17 37.40
C ALA D 57 -8.94 6.51 37.87
N LYS D 58 -10.08 6.95 37.37
CA LYS D 58 -11.36 6.42 37.75
C LYS D 58 -11.73 5.27 36.89
N SER D 59 -10.96 4.98 35.86
CA SER D 59 -11.37 4.02 34.87
C SER D 59 -10.56 2.79 34.78
N LEU D 60 -9.26 2.93 34.79
CA LEU D 60 -8.45 1.79 34.46
C LEU D 60 -7.42 1.40 35.48
N LEU D 61 -6.95 2.35 36.24
CA LEU D 61 -5.83 2.10 37.09
C LEU D 61 -6.13 1.04 38.12
N TYR D 62 -5.12 0.25 38.44
CA TYR D 62 -5.21 -0.66 39.55
C TYR D 62 -6.18 -1.73 39.27
N SER D 63 -5.99 -2.42 38.18
CA SER D 63 -6.90 -3.46 37.90
C SER D 63 -6.22 -4.46 37.04
N ASP D 64 -7.00 -5.29 36.39
CA ASP D 64 -6.46 -6.38 35.64
C ASP D 64 -5.74 -5.83 34.47
N ILE D 65 -6.25 -4.71 34.02
CA ILE D 65 -5.73 -4.09 32.84
C ILE D 65 -4.31 -3.60 32.96
N THR D 66 -3.94 -3.06 34.10
CA THR D 66 -2.60 -2.57 34.28
C THR D 66 -1.61 -3.62 34.73
N ARG D 67 -2.05 -4.63 35.43
CA ARG D 67 -1.14 -5.61 35.95
C ARG D 67 -0.59 -6.46 34.85
N PRO D 68 0.55 -7.05 35.08
CA PRO D 68 1.14 -7.93 34.09
C PRO D 68 0.11 -8.84 33.51
N GLY D 69 -0.13 -8.71 32.23
CA GLY D 69 -1.08 -9.59 31.57
C GLY D 69 -2.20 -8.79 30.92
N GLY D 70 -2.40 -7.57 31.40
CA GLY D 70 -3.45 -6.72 30.85
C GLY D 70 -2.95 -6.00 29.62
N MEN D 71 -3.86 -5.42 28.85
CA MEN D 71 -3.45 -4.71 27.66
C MEN D 71 -2.78 -3.37 27.94
O MEN D 71 -2.16 -2.81 27.08
CB MEN D 71 -4.63 -4.54 26.70
CG MEN D 71 -4.22 -4.46 25.23
OD1 MEN D 71 -3.93 -3.40 24.75
ND2 MEN D 71 -4.17 -5.60 24.55
CE2 MEN D 71 -4.52 -6.89 25.17
N MET D 72 -2.91 -2.88 29.18
CA MET D 72 -2.28 -1.62 29.58
C MET D 72 -0.97 -1.85 30.32
N TYR D 73 -0.46 -3.08 30.29
CA TYR D 73 0.82 -3.40 30.90
C TYR D 73 1.95 -2.82 30.07
N THR D 74 3.19 -2.79 30.63
CA THR D 74 4.35 -2.22 29.94
C THR D 74 4.15 -0.72 29.75
N THR D 75 5.13 -0.02 29.87
CA THR D 75 5.02 1.40 29.69
C THR D 75 4.57 1.73 28.28
N ARG D 76 5.04 0.94 27.34
CA ARG D 76 4.62 0.98 25.96
C ARG D 76 3.17 1.05 25.64
N ARG D 77 2.39 0.15 26.19
CA ARG D 77 0.95 0.11 26.01
C ARG D 77 0.24 1.11 26.89
N TYR D 78 0.82 1.42 28.05
CA TYR D 78 0.21 2.39 28.95
C TYR D 78 0.14 3.73 28.22
N ALA D 79 1.28 4.15 27.69
CA ALA D 79 1.36 5.41 26.95
C ALA D 79 0.45 5.33 25.72
N ALA D 80 0.50 4.19 25.03
CA ALA D 80 -0.31 4.00 23.84
C ALA D 80 -1.81 4.17 24.17
N CYS D 81 -2.20 3.80 25.39
CA CYS D 81 -3.59 3.93 25.80
C CYS D 81 -3.91 5.37 26.20
N ILE D 82 -2.98 6.04 26.88
CA ILE D 82 -3.18 7.44 27.28
C ILE D 82 -3.35 8.26 25.98
N ARG D 83 -2.49 7.96 25.02
CA ARG D 83 -2.46 8.59 23.71
C ARG D 83 -3.82 8.49 23.02
N ASP D 84 -4.42 7.30 23.05
CA ASP D 84 -5.72 7.13 22.42
C ASP D 84 -6.78 7.97 23.11
N LEU D 85 -6.69 8.09 24.44
CA LEU D 85 -7.66 8.90 25.17
C LEU D 85 -7.45 10.37 24.85
N GLU D 86 -6.21 10.77 24.60
CA GLU D 86 -5.94 12.17 24.28
C GLU D 86 -6.48 12.43 22.87
N TYR D 87 -6.51 11.38 22.06
CA TYR D 87 -6.99 11.48 20.69
C TYR D 87 -8.48 11.66 20.65
N TYR D 88 -9.19 10.82 21.38
CA TYR D 88 -10.63 10.91 21.39
C TYR D 88 -11.07 12.26 21.90
N LEU D 89 -10.45 12.73 22.98
CA LEU D 89 -10.80 14.01 23.57
C LEU D 89 -10.63 15.16 22.58
N ARG D 90 -9.48 15.18 21.90
CA ARG D 90 -9.18 16.23 20.93
C ARG D 90 -10.13 16.16 19.74
N TYR D 91 -10.26 14.99 19.14
CA TYR D 91 -11.12 14.81 17.98
C TYR D 91 -12.60 15.04 18.28
N ALA D 92 -13.00 14.77 19.52
CA ALA D 92 -14.38 15.00 19.93
C ALA D 92 -14.61 16.51 20.05
N THR D 93 -13.63 17.25 20.56
CA THR D 93 -13.82 18.69 20.68
C THR D 93 -13.75 19.34 19.30
N TYR D 94 -13.03 18.71 18.35
CA TYR D 94 -12.95 19.23 16.97
C TYR D 94 -14.36 19.15 16.41
N ALA D 95 -14.98 18.00 16.56
CA ALA D 95 -16.26 17.73 15.98
C ALA D 95 -17.32 18.63 16.52
N MET D 96 -17.22 18.89 17.79
CA MET D 96 -18.15 19.71 18.46
C MET D 96 -18.12 21.06 17.81
N LEU D 97 -16.94 21.59 17.63
CA LEU D 97 -16.81 22.87 17.02
C LEU D 97 -17.39 22.87 15.66
N ALA D 98 -17.39 21.73 15.00
CA ALA D 98 -17.94 21.62 13.66
C ALA D 98 -19.43 21.30 13.64
N GLY D 99 -19.93 20.70 14.72
CA GLY D 99 -21.34 20.34 14.75
C GLY D 99 -21.57 19.30 13.67
N ASP D 100 -20.54 18.51 13.39
CA ASP D 100 -20.62 17.48 12.38
C ASP D 100 -19.65 16.34 12.76
N THR D 101 -20.10 15.10 12.64
CA THR D 101 -19.25 13.96 13.01
C THR D 101 -18.39 13.40 11.89
N SER D 102 -18.47 14.01 10.71
CA SER D 102 -17.70 13.55 9.55
C SER D 102 -16.23 13.38 9.89
N ILE D 103 -15.68 14.29 10.68
CA ILE D 103 -14.28 14.23 11.06
C ILE D 103 -13.94 12.91 11.74
N LEU D 104 -14.75 12.52 12.73
CA LEU D 104 -14.53 11.28 13.45
C LEU D 104 -14.50 10.07 12.53
N ASP D 105 -15.44 10.04 11.57
CA ASP D 105 -15.53 8.94 10.63
C ASP D 105 -14.33 8.86 9.70
N GLU D 106 -13.72 10.01 9.44
CA GLU D 106 -12.59 10.05 8.54
C GLU D 106 -11.23 9.92 9.21
N ARG D 107 -11.11 10.49 10.38
CA ARG D 107 -9.84 10.55 10.98
C ARG D 107 -9.81 9.69 12.19
N VAL D 108 -10.93 9.18 12.62
CA VAL D 108 -10.94 8.44 13.86
C VAL D 108 -11.47 7.02 13.88
N LEU D 109 -12.59 6.74 13.25
CA LEU D 109 -13.14 5.41 13.34
C LEU D 109 -12.85 4.54 12.17
N ASN D 110 -12.30 5.12 11.12
CA ASN D 110 -11.99 4.37 9.92
C ASN D 110 -11.12 3.26 10.42
N GLY D 111 -11.68 2.02 10.35
CA GLY D 111 -10.92 0.82 10.61
C GLY D 111 -10.45 0.61 12.02
N LEU D 112 -11.01 1.30 12.97
CA LEU D 112 -10.51 1.22 14.31
C LEU D 112 -10.88 -0.09 14.93
N LYS D 113 -12.12 -0.48 14.78
CA LYS D 113 -12.60 -1.68 15.42
C LYS D 113 -11.81 -2.92 15.09
N GLU D 114 -11.50 -3.14 13.83
CA GLU D 114 -10.59 -4.21 13.43
C GLU D 114 -9.22 -4.05 14.09
N THR D 115 -8.57 -2.93 13.79
CA THR D 115 -7.27 -2.65 14.33
C THR D 115 -7.13 -2.92 15.81
N TYR D 116 -8.22 -2.93 16.53
CA TYR D 116 -8.17 -3.21 17.93
C TYR D 116 -8.41 -4.66 18.17
N ASN D 117 -9.35 -5.22 17.46
CA ASN D 117 -9.61 -6.64 17.60
C ASN D 117 -8.39 -7.47 17.27
N SER D 118 -7.58 -7.01 16.32
CA SER D 118 -6.38 -7.73 15.93
C SER D 118 -5.24 -7.56 16.93
N LEU D 119 -5.39 -6.62 17.86
CA LEU D 119 -4.35 -6.36 18.83
C LEU D 119 -4.72 -6.78 20.25
N GLY D 120 -5.92 -7.32 20.42
CA GLY D 120 -6.34 -7.73 21.74
C GLY D 120 -6.74 -6.57 22.65
N VAL D 121 -6.98 -5.41 22.06
CA VAL D 121 -7.39 -4.22 22.83
C VAL D 121 -8.86 -4.40 23.27
N PRO D 122 -9.12 -4.29 24.59
CA PRO D 122 -10.47 -4.45 25.15
C PRO D 122 -11.45 -3.34 24.79
N ILE D 123 -12.38 -3.65 23.90
CA ILE D 123 -13.39 -2.69 23.45
C ILE D 123 -14.25 -2.11 24.55
N GLY D 124 -14.70 -2.98 25.47
CA GLY D 124 -15.55 -2.52 26.56
C GLY D 124 -14.87 -1.63 27.58
N ALA D 125 -13.57 -1.88 27.82
CA ALA D 125 -12.81 -1.08 28.75
C ALA D 125 -12.50 0.30 28.14
N THR D 126 -12.04 0.30 26.88
CA THR D 126 -11.76 1.57 26.22
C THR D 126 -13.05 2.39 26.24
N VAL D 127 -14.19 1.72 26.11
CA VAL D 127 -15.49 2.40 26.15
C VAL D 127 -15.72 2.96 27.55
N GLN D 128 -15.26 2.22 28.56
CA GLN D 128 -15.41 2.66 29.94
C GLN D 128 -14.64 3.93 30.19
N ALA D 129 -13.45 4.03 29.59
CA ALA D 129 -12.62 5.22 29.74
C ALA D 129 -13.31 6.40 29.05
N ILE D 130 -14.01 6.12 27.94
CA ILE D 130 -14.73 7.16 27.20
C ILE D 130 -15.90 7.68 28.05
N GLN D 131 -16.42 6.84 28.93
CA GLN D 131 -17.51 7.21 29.83
C GLN D 131 -16.93 8.21 30.83
N ALA D 132 -15.75 7.88 31.33
CA ALA D 132 -15.05 8.70 32.31
C ALA D 132 -14.69 10.07 31.76
N ILE D 133 -14.18 10.09 30.53
CA ILE D 133 -13.79 11.35 29.89
C ILE D 133 -15.03 12.21 29.71
N LYS D 134 -16.12 11.61 29.26
CA LYS D 134 -17.37 12.33 29.06
C LYS D 134 -17.73 13.00 30.39
N GLU D 135 -17.58 12.26 31.48
CA GLU D 135 -17.89 12.73 32.82
C GLU D 135 -16.98 13.83 33.36
N VAL D 136 -15.68 13.65 33.24
CA VAL D 136 -14.78 14.67 33.73
C VAL D 136 -14.92 15.97 32.94
N THR D 137 -14.98 15.88 31.61
CA THR D 137 -15.10 17.07 30.79
C THR D 137 -16.39 17.82 31.07
N ALA D 138 -17.47 17.12 31.28
CA ALA D 138 -18.74 17.78 31.51
C ALA D 138 -18.70 18.55 32.79
N SER D 139 -17.84 18.12 33.69
CA SER D 139 -17.70 18.79 34.97
C SER D 139 -16.68 19.94 34.90
N LEU D 140 -16.44 20.46 33.69
CA LEU D 140 -15.50 21.54 33.58
C LEU D 140 -16.05 22.52 32.61
N VAL D 141 -16.96 22.03 31.82
CA VAL D 141 -17.40 22.68 30.65
C VAL D 141 -18.81 23.09 30.89
N GLY D 142 -19.42 22.50 31.88
CA GLY D 142 -20.76 22.85 32.25
C GLY D 142 -21.72 21.88 31.68
N PRO D 143 -22.93 21.86 32.21
CA PRO D 143 -23.95 20.90 31.78
C PRO D 143 -24.29 20.93 30.27
N ASP D 144 -24.62 22.10 29.75
CA ASP D 144 -24.97 22.26 28.34
C ASP D 144 -23.89 21.76 27.39
N ALA D 145 -22.68 22.28 27.57
CA ALA D 145 -21.56 21.89 26.72
C ALA D 145 -21.13 20.45 27.00
N GLY D 146 -21.51 19.94 28.16
CA GLY D 146 -21.16 18.58 28.55
C GLY D 146 -21.90 17.54 27.73
N ARG D 147 -23.18 17.81 27.47
CA ARG D 147 -24.00 16.92 26.66
C ARG D 147 -23.63 17.10 25.19
N GLU D 148 -23.12 18.28 24.87
CA GLU D 148 -22.66 18.57 23.51
C GLU D 148 -21.39 17.81 23.21
N MET D 149 -20.64 17.48 24.27
CA MET D 149 -19.40 16.73 24.11
C MET D 149 -19.73 15.24 24.22
N GLY D 150 -20.87 14.95 24.85
CA GLY D 150 -21.29 13.57 25.02
C GLY D 150 -21.83 12.94 23.75
N VAL D 151 -22.27 13.76 22.81
CA VAL D 151 -22.80 13.24 21.56
C VAL D 151 -21.65 12.71 20.72
N TYR D 152 -20.57 13.46 20.70
CA TYR D 152 -19.39 13.09 19.91
C TYR D 152 -18.53 12.03 20.56
N LEU D 153 -18.47 12.02 21.88
CA LEU D 153 -17.70 11.00 22.59
C LEU D 153 -18.49 9.71 22.46
N ASP D 154 -19.82 9.83 22.41
CA ASP D 154 -20.69 8.67 22.26
C ASP D 154 -20.56 8.14 20.84
N TYR D 155 -20.55 9.03 19.86
CA TYR D 155 -20.39 8.61 18.49
C TYR D 155 -19.09 7.78 18.37
N ILE D 156 -18.07 8.07 19.15
CA ILE D 156 -16.82 7.31 19.03
C ILE D 156 -16.88 5.94 19.64
N SER D 157 -17.13 5.84 20.91
CA SER D 157 -17.20 4.54 21.51
C SER D 157 -18.25 3.66 20.84
N SER D 158 -19.38 4.25 20.46
CA SER D 158 -20.42 3.47 19.80
C SER D 158 -19.92 3.00 18.43
N GLY D 159 -18.89 3.66 17.92
CA GLY D 159 -18.34 3.28 16.63
C GLY D 159 -17.28 2.21 16.81
N LEU D 160 -17.09 1.81 18.06
CA LEU D 160 -16.13 0.78 18.38
C LEU D 160 -16.88 -0.50 18.57
N SER D 161 -18.17 -0.37 18.83
CA SER D 161 -19.05 -1.50 18.99
C SER D 161 -19.79 -1.72 17.70
N SER E 1 18.38 -10.92 22.01
CA SER E 1 19.68 -11.36 22.42
C SER E 1 20.60 -11.31 21.25
N ILE E 2 21.82 -11.68 21.48
CA ILE E 2 22.84 -11.61 20.45
C ILE E 2 22.50 -12.53 19.28
N VAL E 3 21.84 -13.64 19.58
CA VAL E 3 21.46 -14.59 18.58
C VAL E 3 20.44 -13.98 17.64
N SER E 4 19.34 -13.48 18.18
CA SER E 4 18.33 -12.88 17.31
C SER E 4 18.85 -11.62 16.59
N LYS E 5 19.83 -10.93 17.18
CA LYS E 5 20.38 -9.73 16.54
C LYS E 5 21.17 -10.11 15.29
N SER E 6 21.95 -11.18 15.38
CA SER E 6 22.72 -11.64 14.23
C SER E 6 21.76 -12.16 13.17
N ILE E 7 20.72 -12.90 13.58
CA ILE E 7 19.77 -13.41 12.61
C ILE E 7 19.22 -12.23 11.82
N VAL E 8 18.87 -11.17 12.54
CA VAL E 8 18.31 -9.96 11.96
C VAL E 8 19.18 -9.33 10.90
N ASN E 9 20.48 -9.18 11.18
CA ASN E 9 21.38 -8.59 10.21
C ASN E 9 21.62 -9.49 8.99
N ALA E 10 21.95 -10.74 9.27
CA ALA E 10 22.21 -11.70 8.20
C ALA E 10 21.00 -11.84 7.28
N ASP E 11 19.81 -11.60 7.82
CA ASP E 11 18.59 -11.71 7.03
C ASP E 11 18.37 -10.46 6.18
N ALA E 12 18.87 -9.33 6.67
CA ALA E 12 18.74 -8.08 5.95
C ALA E 12 19.71 -8.07 4.77
N GLU E 13 20.69 -8.96 4.82
CA GLU E 13 21.68 -9.05 3.74
C GLU E 13 21.55 -10.40 3.05
N ALA E 14 20.39 -11.00 3.18
CA ALA E 14 20.13 -12.30 2.56
C ALA E 14 21.17 -13.42 2.66
N ARG E 15 21.88 -13.46 3.78
CA ARG E 15 23.09 -14.24 3.93
C ARG E 15 23.11 -15.05 5.23
N TYR E 16 24.08 -15.95 5.32
CA TYR E 16 24.24 -16.79 6.50
C TYR E 16 25.04 -15.99 7.49
N LEU E 17 25.07 -16.42 8.74
CA LEU E 17 25.81 -15.72 9.76
C LEU E 17 27.29 -15.72 9.42
N SER E 18 27.94 -14.58 9.59
CA SER E 18 29.37 -14.48 9.32
C SER E 18 30.16 -15.24 10.39
N PRO E 19 31.44 -15.52 10.13
CA PRO E 19 32.23 -16.24 11.14
C PRO E 19 32.31 -15.44 12.44
N GLY E 20 32.31 -14.11 12.30
CA GLY E 20 32.36 -13.24 13.46
C GLY E 20 31.10 -13.29 14.30
N GLU E 21 29.93 -13.35 13.67
CA GLU E 21 28.68 -13.42 14.41
C GLU E 21 28.54 -14.79 15.11
N LEU E 22 29.14 -15.82 14.54
CA LEU E 22 29.07 -17.15 15.15
C LEU E 22 29.98 -17.26 16.37
N GLU E 23 31.16 -16.65 16.30
CA GLU E 23 32.11 -16.68 17.43
C GLU E 23 31.40 -16.06 18.64
N ARG E 24 30.80 -14.88 18.43
CA ARG E 24 30.09 -14.18 19.50
C ARG E 24 28.99 -15.01 20.14
N ILE E 25 28.19 -15.69 19.31
CA ILE E 25 27.12 -16.54 19.83
C ILE E 25 27.74 -17.64 20.66
N LYS E 26 28.82 -18.24 20.15
CA LYS E 26 29.51 -19.30 20.89
C LYS E 26 29.84 -18.76 22.27
N THR E 27 30.60 -17.66 22.30
CA THR E 27 31.04 -17.04 23.55
C THR E 27 29.92 -16.53 24.47
N PHE E 28 28.84 -16.03 23.89
CA PHE E 28 27.73 -15.54 24.72
C PHE E 28 27.09 -16.72 25.43
N VAL E 29 27.00 -17.86 24.79
CA VAL E 29 26.39 -19.01 25.42
C VAL E 29 27.29 -19.71 26.39
N VAL E 30 28.55 -19.73 26.09
CA VAL E 30 29.48 -20.34 26.96
C VAL E 30 29.52 -19.63 28.28
N GLY E 31 29.03 -18.40 28.31
CA GLY E 31 28.98 -17.65 29.55
C GLY E 31 27.57 -17.65 30.14
N GLY E 32 26.72 -18.54 29.65
CA GLY E 32 25.35 -18.61 30.13
C GLY E 32 25.22 -18.69 31.65
N ASP E 33 25.92 -19.61 32.28
CA ASP E 33 25.74 -19.83 33.70
C ASP E 33 26.07 -18.62 34.50
N ARG E 34 27.13 -17.99 34.12
CA ARG E 34 27.57 -16.80 34.76
C ARG E 34 26.40 -15.87 34.90
N ARG E 35 25.60 -15.80 33.85
CA ARG E 35 24.49 -14.89 33.78
C ARG E 35 23.38 -15.31 34.67
N LEU E 36 22.95 -16.54 34.51
CA LEU E 36 21.93 -17.12 35.38
C LEU E 36 22.26 -16.86 36.85
N ARG E 37 23.47 -17.22 37.26
CA ARG E 37 23.90 -17.00 38.63
C ARG E 37 23.58 -15.58 39.07
N ILE E 38 24.10 -14.60 38.33
CA ILE E 38 23.84 -13.19 38.62
C ILE E 38 22.36 -12.92 38.85
N ALA E 39 21.51 -13.43 37.95
CA ALA E 39 20.06 -13.21 38.05
C ALA E 39 19.48 -13.78 39.33
N GLN E 40 19.90 -14.98 39.69
CA GLN E 40 19.44 -15.67 40.88
C GLN E 40 19.88 -14.95 42.15
N THR E 41 21.13 -14.51 42.16
CA THR E 41 21.67 -13.78 43.30
C THR E 41 20.76 -12.57 43.59
N ILE E 42 20.34 -11.87 42.53
CA ILE E 42 19.44 -10.72 42.68
C ILE E 42 18.02 -11.19 43.00
N ALA E 43 17.48 -12.08 42.17
CA ALA E 43 16.13 -12.56 42.35
C ALA E 43 15.84 -13.09 43.75
N GLU E 44 16.84 -13.74 44.34
CA GLU E 44 16.67 -14.34 45.66
C GLU E 44 16.72 -13.40 46.86
N SER E 45 17.36 -12.27 46.68
CA SER E 45 17.31 -11.23 47.64
C SER E 45 16.45 -10.12 47.11
N ARG E 46 15.47 -10.45 46.30
CA ARG E 46 14.52 -9.45 45.85
C ARG E 46 14.20 -8.43 46.86
N GLU E 47 13.56 -8.94 47.88
CA GLU E 47 12.96 -8.12 48.95
C GLU E 47 14.02 -7.29 49.65
N ARG E 48 15.13 -7.93 50.00
CA ARG E 48 16.19 -7.26 50.73
C ARG E 48 16.66 -6.06 49.89
N ILE E 49 16.89 -6.30 48.60
CA ILE E 49 17.33 -5.23 47.70
C ILE E 49 16.28 -4.11 47.65
N VAL E 50 15.04 -4.45 47.31
CA VAL E 50 13.99 -3.45 47.21
C VAL E 50 13.72 -2.66 48.49
N LYS E 51 13.73 -3.30 49.63
CA LYS E 51 13.34 -2.52 50.78
C LYS E 51 14.43 -1.57 51.19
N GLN E 52 15.66 -1.99 51.06
CA GLN E 52 16.78 -1.12 51.32
C GLN E 52 16.75 0.07 50.38
N ALA E 53 16.56 -0.16 49.11
CA ALA E 53 16.55 0.95 48.20
C ALA E 53 15.49 1.94 48.62
N GLY E 54 14.35 1.43 49.04
CA GLY E 54 13.30 2.29 49.49
C GLY E 54 13.72 3.12 50.68
N ASN E 55 14.36 2.48 51.62
CA ASN E 55 14.80 3.22 52.75
C ASN E 55 15.70 4.32 52.31
N GLN E 56 16.73 4.03 51.56
CA GLN E 56 17.60 5.09 51.12
C GLN E 56 16.88 6.08 50.26
N LEU E 57 16.07 5.64 49.35
CA LEU E 57 15.47 6.61 48.48
C LEU E 57 14.78 7.64 49.30
N PHE E 58 14.04 7.16 50.29
CA PHE E 58 13.15 7.98 51.08
C PHE E 58 13.86 9.01 51.94
N GLN E 59 15.05 8.68 52.40
CA GLN E 59 15.81 9.61 53.23
C GLN E 59 16.40 10.73 52.39
N LYS E 60 16.90 10.38 51.21
CA LYS E 60 17.51 11.35 50.31
C LYS E 60 16.46 12.30 49.74
N ARG E 61 15.24 11.78 49.66
CA ARG E 61 14.12 12.49 49.09
C ARG E 61 12.86 12.30 49.87
N PRO E 62 12.79 12.88 51.05
CA PRO E 62 11.62 12.76 51.92
C PRO E 62 10.42 13.51 51.40
N ASP E 63 10.55 13.98 50.20
CA ASP E 63 9.48 14.74 49.56
C ASP E 63 8.35 13.82 49.11
N VAL E 64 8.65 12.99 48.12
CA VAL E 64 7.69 12.14 47.49
C VAL E 64 6.85 11.50 48.56
N VAL E 65 7.39 11.36 49.75
CA VAL E 65 6.65 10.74 50.81
C VAL E 65 6.00 11.62 51.90
N SER E 66 6.16 12.93 51.79
CA SER E 66 5.55 13.86 52.65
C SER E 66 4.22 14.16 52.03
N PRO E 67 3.34 14.75 52.78
CA PRO E 67 2.03 15.06 52.27
C PRO E 67 2.15 15.91 51.04
N GLY E 68 1.58 15.44 49.96
CA GLY E 68 1.66 16.21 48.72
C GLY E 68 2.55 15.55 47.69
N GLY E 69 3.41 14.65 48.16
CA GLY E 69 4.31 13.90 47.30
C GLY E 69 3.60 12.64 46.86
N ASN E 70 3.89 12.18 45.64
CA ASN E 70 3.28 11.02 44.99
C ASN E 70 3.13 9.80 45.83
N ALA E 71 4.11 9.51 46.66
CA ALA E 71 4.04 8.39 47.58
C ALA E 71 3.99 8.83 49.03
N TYR E 72 2.79 9.17 49.44
CA TYR E 72 2.49 9.60 50.77
C TYR E 72 1.37 8.70 51.08
N GLY E 73 1.44 8.04 52.21
CA GLY E 73 0.38 7.14 52.54
C GLY E 73 0.98 5.80 52.42
N GLU E 74 0.23 4.79 52.76
CA GLU E 74 0.83 3.52 52.85
C GLU E 74 0.52 2.87 51.57
N ASP E 75 -0.73 2.85 51.17
CA ASP E 75 -0.96 2.36 49.82
C ASP E 75 0.10 2.93 48.86
N MET E 76 0.31 4.24 48.93
CA MET E 76 1.05 4.91 47.89
C MET E 76 2.52 4.59 47.98
N THR E 77 3.09 4.58 49.15
CA THR E 77 4.49 4.22 49.18
C THR E 77 4.65 2.79 48.74
N ALA E 78 3.62 1.99 48.89
CA ALA E 78 3.68 0.58 48.54
C ALA E 78 3.67 0.37 47.03
N THR E 79 2.94 1.21 46.32
CA THR E 79 2.89 1.11 44.87
C THR E 79 4.24 1.57 44.32
N CYS E 80 4.86 2.52 45.01
CA CYS E 80 6.18 3.01 44.59
C CYS E 80 7.20 1.88 44.68
N LEU E 81 7.28 1.25 45.84
CA LEU E 81 8.22 0.17 46.04
C LEU E 81 7.90 -1.03 45.14
N ARG E 82 6.68 -1.09 44.63
CA ARG E 82 6.26 -2.15 43.74
C ARG E 82 6.92 -1.85 42.39
N ASP E 83 6.93 -0.57 42.03
CA ASP E 83 7.52 -0.07 40.80
C ASP E 83 9.03 -0.28 40.79
N LEU E 84 9.64 -0.26 41.98
CA LEU E 84 11.08 -0.47 42.08
C LEU E 84 11.36 -1.96 41.96
N ASP E 85 10.34 -2.76 42.25
CA ASP E 85 10.48 -4.20 42.17
C ASP E 85 10.44 -4.54 40.68
N TYR E 86 9.53 -3.89 39.96
CA TYR E 86 9.40 -4.10 38.52
C TYR E 86 10.71 -3.88 37.81
N TYR E 87 11.40 -2.82 38.16
CA TYR E 87 12.59 -2.45 37.48
C TYR E 87 13.73 -3.36 37.84
N LEU E 88 13.71 -3.89 39.03
CA LEU E 88 14.68 -4.88 39.43
C LEU E 88 14.43 -6.17 38.74
N ARG E 89 13.20 -6.47 38.44
CA ARG E 89 12.92 -7.63 37.69
C ARG E 89 13.34 -7.46 36.23
N LEU E 90 13.20 -6.26 35.68
CA LEU E 90 13.58 -6.05 34.28
C LEU E 90 15.08 -6.09 34.12
N VAL E 91 15.80 -5.71 35.16
CA VAL E 91 17.25 -5.75 35.12
C VAL E 91 17.75 -7.19 34.97
N THR E 92 17.23 -8.11 35.79
CA THR E 92 17.67 -9.51 35.68
C THR E 92 17.44 -10.00 34.26
N TYR E 93 16.37 -9.54 33.61
CA TYR E 93 16.04 -9.95 32.24
C TYR E 93 17.13 -9.56 31.25
N GLY E 94 17.71 -8.39 31.45
CA GLY E 94 18.78 -7.90 30.59
C GLY E 94 20.09 -8.62 30.86
N VAL E 95 20.46 -8.71 32.13
CA VAL E 95 21.68 -9.39 32.52
C VAL E 95 21.63 -10.86 32.13
N VAL E 96 20.42 -11.35 31.88
CA VAL E 96 20.22 -12.74 31.48
C VAL E 96 20.38 -12.91 29.97
N SER E 97 19.85 -11.96 29.22
CA SER E 97 19.94 -12.00 27.76
C SER E 97 21.07 -11.15 27.21
N GLY E 98 21.87 -10.55 28.08
CA GLY E 98 22.97 -9.71 27.65
C GLY E 98 22.48 -8.73 26.60
N ASP E 99 21.21 -8.38 26.68
CA ASP E 99 20.60 -7.44 25.74
C ASP E 99 19.61 -6.52 26.43
N ILE E 100 19.51 -5.28 25.95
CA ILE E 100 18.60 -4.31 26.52
C ILE E 100 17.32 -4.20 25.70
N THR E 101 16.92 -5.17 24.95
CA THR E 101 15.71 -4.93 24.24
C THR E 101 14.54 -5.16 25.15
N PRO E 102 14.71 -6.05 26.11
CA PRO E 102 13.64 -6.35 27.03
C PRO E 102 13.37 -5.25 28.03
N ILE E 103 14.38 -4.60 28.53
CA ILE E 103 14.17 -3.52 29.46
C ILE E 103 13.47 -2.40 28.75
N GLU E 104 13.78 -2.24 27.49
CA GLU E 104 13.19 -1.24 26.65
C GLU E 104 11.72 -1.49 26.39
N GLU E 105 11.40 -2.60 25.77
CA GLU E 105 10.06 -2.85 25.37
C GLU E 105 9.11 -2.95 26.52
N ILE E 106 9.62 -3.22 27.71
CA ILE E 106 8.79 -3.40 28.89
C ILE E 106 8.67 -2.19 29.83
N GLY E 107 9.78 -1.55 30.16
CA GLY E 107 9.70 -0.41 31.06
C GLY E 107 10.23 0.93 30.61
N ILE E 108 10.74 1.02 29.39
CA ILE E 108 11.30 2.28 28.91
C ILE E 108 10.45 3.02 27.86
N VAL E 109 10.06 2.33 26.81
CA VAL E 109 9.27 3.02 25.81
C VAL E 109 7.96 3.49 26.45
N GLY E 110 7.79 4.80 26.53
CA GLY E 110 6.58 5.39 26.99
C GLY E 110 6.54 5.67 28.45
N VAL E 111 7.66 5.62 29.09
CA VAL E 111 7.70 5.76 30.51
C VAL E 111 7.54 7.19 31.02
N ARG E 112 8.12 8.13 30.27
CA ARG E 112 8.00 9.54 30.62
C ARG E 112 6.56 10.00 30.49
N GLU E 113 5.87 9.51 29.47
CA GLU E 113 4.48 9.86 29.24
C GLU E 113 3.57 9.22 30.29
N MET E 114 3.98 8.07 30.79
CA MET E 114 3.20 7.35 31.80
C MET E 114 3.29 8.06 33.16
N TYR E 115 4.51 8.24 33.65
CA TYR E 115 4.73 8.90 34.92
C TYR E 115 4.32 10.37 34.97
N LYS E 116 4.48 11.06 33.84
CA LYS E 116 4.12 12.48 33.76
C LYS E 116 2.66 12.68 34.12
N SER E 117 1.76 11.89 33.53
CA SER E 117 0.35 12.04 33.86
C SER E 117 0.03 11.39 35.20
N LEU E 118 0.87 10.45 35.64
CA LEU E 118 0.62 9.82 36.92
C LEU E 118 0.99 10.77 38.04
N GLY E 119 1.58 11.91 37.65
CA GLY E 119 1.99 12.88 38.64
C GLY E 119 3.25 12.45 39.38
N THR E 120 3.91 11.41 38.88
CA THR E 120 5.13 10.90 39.51
C THR E 120 6.37 11.61 38.99
N PRO E 121 7.20 12.11 39.88
CA PRO E 121 8.44 12.72 39.47
C PRO E 121 9.44 11.68 39.12
N ILE E 122 9.77 11.63 37.86
CA ILE E 122 10.57 10.57 37.32
C ILE E 122 12.05 10.64 37.72
N GLU E 123 12.57 11.84 37.97
CA GLU E 123 13.93 11.96 38.50
C GLU E 123 14.07 11.11 39.73
N ALA E 124 13.03 11.11 40.55
CA ALA E 124 13.01 10.33 41.79
C ALA E 124 12.97 8.82 41.50
N VAL E 125 12.22 8.39 40.49
CA VAL E 125 12.18 6.97 40.17
C VAL E 125 13.62 6.50 39.84
N ALA E 126 14.34 7.35 39.10
CA ALA E 126 15.72 7.06 38.72
C ALA E 126 16.56 6.95 39.96
N GLU E 127 16.29 7.82 40.93
CA GLU E 127 16.98 7.82 42.21
C GLU E 127 16.86 6.42 42.84
N GLY E 128 15.61 5.96 42.98
CA GLY E 128 15.38 4.65 43.56
C GLY E 128 16.19 3.56 42.90
N VAL E 129 16.16 3.54 41.57
CA VAL E 129 16.89 2.53 40.81
C VAL E 129 18.40 2.62 41.11
N ARG E 130 18.85 3.76 41.57
CA ARG E 130 20.23 4.01 41.87
C ARG E 130 20.59 3.33 43.15
N GLU E 131 19.65 3.35 44.08
CA GLU E 131 19.85 2.69 45.32
C GLU E 131 19.78 1.22 45.05
N LEU E 132 18.82 0.80 44.26
CA LEU E 132 18.72 -0.57 43.83
C LEU E 132 20.05 -1.04 43.32
N LYS E 133 20.63 -0.27 42.45
CA LYS E 133 21.94 -0.58 41.90
C LYS E 133 22.98 -0.91 42.96
N SER E 134 23.11 -0.05 43.96
CA SER E 134 24.10 -0.30 45.00
C SER E 134 23.69 -1.40 45.97
N ALA E 135 22.42 -1.47 46.33
CA ALA E 135 22.00 -2.53 47.23
C ALA E 135 22.28 -3.89 46.58
N ALA E 136 22.04 -4.00 45.29
CA ALA E 136 22.27 -5.25 44.56
C ALA E 136 23.72 -5.60 44.24
N THR E 137 24.47 -4.64 43.70
CA THR E 137 25.87 -4.91 43.36
C THR E 137 26.66 -5.14 44.63
N ALA E 138 26.05 -4.78 45.76
CA ALA E 138 26.67 -4.98 47.06
C ALA E 138 26.80 -6.48 47.35
N LEU E 139 25.84 -7.26 46.86
CA LEU E 139 25.81 -8.70 47.06
C LEU E 139 26.53 -9.51 45.98
N LEU E 140 27.19 -8.84 45.05
CA LEU E 140 27.88 -9.55 43.99
C LEU E 140 29.39 -9.46 44.11
N THR E 141 30.09 -10.34 43.41
CA THR E 141 31.52 -10.36 43.45
C THR E 141 31.94 -9.24 42.42
N GLY E 142 33.22 -9.13 42.12
CA GLY E 142 33.62 -8.11 41.22
C GLY E 142 33.12 -8.04 39.77
N GLU E 143 33.51 -9.01 38.95
CA GLU E 143 33.09 -9.06 37.57
C GLU E 143 31.56 -9.00 37.52
N ASP E 144 30.92 -9.90 38.28
CA ASP E 144 29.47 -9.94 38.31
C ASP E 144 28.83 -8.60 38.64
N ALA E 145 29.52 -7.78 39.44
CA ALA E 145 29.01 -6.48 39.82
C ALA E 145 29.10 -5.50 38.66
N ASP E 146 30.15 -5.64 37.85
CA ASP E 146 30.35 -4.77 36.68
C ASP E 146 29.23 -5.01 35.68
N GLU E 147 28.87 -6.28 35.51
CA GLU E 147 27.80 -6.67 34.60
C GLU E 147 26.43 -6.19 35.04
N ALA E 148 26.02 -6.60 36.23
CA ALA E 148 24.72 -6.20 36.71
C ALA E 148 24.64 -4.67 36.67
N GLY E 149 25.72 -4.03 37.11
CA GLY E 149 25.74 -2.58 37.13
C GLY E 149 25.44 -1.89 35.81
N ALA E 150 25.88 -2.48 34.70
CA ALA E 150 25.65 -1.89 33.38
C ALA E 150 24.18 -1.74 33.04
N TYR E 151 23.40 -2.77 33.35
CA TYR E 151 21.98 -2.79 33.08
C TYR E 151 21.24 -1.84 34.01
N PHE E 152 21.79 -1.63 35.20
CA PHE E 152 21.17 -0.71 36.14
C PHE E 152 21.29 0.71 35.58
N ASP E 153 22.51 1.06 35.17
CA ASP E 153 22.79 2.38 34.62
C ASP E 153 21.98 2.68 33.37
N TYR E 154 21.77 1.68 32.52
CA TYR E 154 20.97 1.90 31.31
C TYR E 154 19.59 2.39 31.71
N VAL E 155 19.00 1.70 32.67
CA VAL E 155 17.67 2.06 33.17
C VAL E 155 17.71 3.45 33.77
N ILE E 156 18.76 3.72 34.55
CA ILE E 156 18.91 5.03 35.18
C ILE E 156 18.87 6.12 34.12
N GLY E 157 19.85 6.11 33.24
CA GLY E 157 19.91 7.11 32.19
C GLY E 157 18.60 7.28 31.45
N ALA E 158 17.93 6.18 31.17
CA ALA E 158 16.67 6.25 30.45
C ALA E 158 15.58 6.95 31.24
N LEU E 159 15.64 6.85 32.56
CA LEU E 159 14.63 7.49 33.44
C LEU E 159 15.04 8.86 33.96
N SER E 160 16.14 9.39 33.48
CA SER E 160 16.58 10.66 33.97
C SER E 160 17.00 11.59 32.84
N MET F 1 10.44 -10.80 15.21
CA MET F 1 11.34 -11.97 15.28
C MET F 1 11.69 -12.20 16.76
N GLN F 2 12.06 -13.43 17.12
CA GLN F 2 12.33 -13.73 18.52
C GLN F 2 13.13 -15.02 18.72
N ASP F 3 14.05 -15.01 19.68
CA ASP F 3 14.81 -16.23 19.98
C ASP F 3 14.29 -16.80 21.30
N ALA F 4 14.72 -18.01 21.64
CA ALA F 4 14.27 -18.68 22.86
C ALA F 4 14.47 -17.87 24.14
N ILE F 5 15.57 -17.11 24.21
CA ILE F 5 15.86 -16.30 25.38
C ILE F 5 14.73 -15.32 25.67
N THR F 6 14.29 -14.61 24.64
CA THR F 6 13.19 -13.66 24.79
C THR F 6 11.88 -14.37 25.05
N ALA F 7 11.67 -15.49 24.35
CA ALA F 7 10.46 -16.28 24.52
C ALA F 7 10.22 -16.59 26.00
N VAL F 8 11.30 -16.99 26.69
CA VAL F 8 11.21 -17.30 28.11
C VAL F 8 11.00 -16.04 28.94
N ILE F 9 11.79 -14.99 28.64
CA ILE F 9 11.67 -13.73 29.36
C ILE F 9 10.21 -13.29 29.33
N ASN F 10 9.63 -13.27 28.13
CA ASN F 10 8.25 -12.86 27.95
C ASN F 10 7.24 -13.73 28.69
N ALA F 11 7.40 -15.05 28.59
CA ALA F 11 6.47 -15.96 29.26
C ALA F 11 6.40 -15.65 30.74
N SER F 12 7.50 -15.20 31.32
CA SER F 12 7.49 -14.85 32.73
C SER F 12 7.03 -13.41 32.97
N ASP F 13 7.31 -12.52 32.03
CA ASP F 13 6.92 -11.12 32.15
C ASP F 13 5.40 -10.97 32.16
N VAL F 14 4.72 -11.82 31.40
CA VAL F 14 3.26 -11.78 31.32
C VAL F 14 2.63 -12.13 32.66
N GLN F 15 3.44 -12.65 33.58
CA GLN F 15 2.95 -13.04 34.89
C GLN F 15 3.62 -12.21 35.99
N GLY F 16 4.44 -11.24 35.58
CA GLY F 16 5.13 -10.39 36.52
C GLY F 16 6.08 -11.14 37.43
N LYS F 17 6.55 -12.30 37.00
CA LYS F 17 7.45 -13.09 37.82
C LYS F 17 8.91 -12.91 37.41
N TYR F 18 9.83 -13.13 38.35
CA TYR F 18 11.25 -13.05 38.04
C TYR F 18 11.52 -14.39 37.36
N LEU F 19 12.73 -14.60 36.83
CA LEU F 19 13.03 -15.86 36.16
C LEU F 19 12.49 -16.86 37.15
N ASP F 20 11.64 -17.70 36.61
CA ASP F 20 11.09 -18.89 37.24
C ASP F 20 12.09 -20.07 37.27
N SER F 21 12.00 -20.90 38.31
CA SER F 21 12.88 -22.04 38.47
C SER F 21 12.94 -22.83 37.16
N SER F 22 11.78 -23.07 36.58
CA SER F 22 11.65 -23.80 35.32
C SER F 22 12.25 -23.00 34.16
N ALA F 23 12.12 -21.69 34.22
CA ALA F 23 12.65 -20.84 33.15
C ALA F 23 14.20 -20.88 33.14
N LEU F 24 14.81 -21.01 34.30
CA LEU F 24 16.26 -21.07 34.33
C LEU F 24 16.74 -22.37 33.68
N ASP F 25 16.01 -23.45 33.95
CA ASP F 25 16.30 -24.77 33.38
C ASP F 25 16.17 -24.67 31.86
N ARG F 26 15.01 -24.21 31.41
CA ARG F 26 14.74 -24.03 29.99
C ARG F 26 15.89 -23.23 29.39
N LEU F 27 16.18 -22.08 30.00
CA LEU F 27 17.25 -21.21 29.53
C LEU F 27 18.59 -21.92 29.48
N LYS F 28 19.00 -22.48 30.63
CA LYS F 28 20.28 -23.16 30.72
C LYS F 28 20.48 -24.25 29.68
N SER F 29 19.47 -25.07 29.42
CA SER F 29 19.65 -26.12 28.46
C SER F 29 19.71 -25.59 27.03
N TYR F 30 19.26 -24.35 26.84
CA TYR F 30 19.31 -23.76 25.51
C TYR F 30 20.73 -23.29 25.27
N PHE F 31 21.40 -22.90 26.36
CA PHE F 31 22.77 -22.45 26.29
C PHE F 31 23.69 -23.64 25.99
N GLN F 32 23.47 -24.74 26.70
CA GLN F 32 24.29 -25.92 26.51
C GLN F 32 24.31 -26.43 25.07
N SER F 33 23.18 -26.38 24.39
CA SER F 33 23.13 -26.85 23.01
C SER F 33 23.48 -25.74 22.02
N GLY F 34 24.04 -24.65 22.54
CA GLY F 34 24.42 -23.54 21.69
C GLY F 34 25.54 -23.88 20.75
N GLU F 35 26.62 -24.47 21.26
CA GLU F 35 27.75 -24.82 20.40
C GLU F 35 27.40 -25.78 19.27
N LEU F 36 26.55 -26.77 19.55
CA LEU F 36 26.17 -27.73 18.52
C LEU F 36 25.46 -27.05 17.36
N ARG F 37 24.57 -26.13 17.71
CA ARG F 37 23.79 -25.40 16.72
C ARG F 37 24.66 -24.48 15.88
N VAL F 38 25.73 -23.99 16.48
CA VAL F 38 26.67 -23.13 15.76
C VAL F 38 27.50 -23.97 14.81
N ARG F 39 28.01 -25.08 15.28
CA ARG F 39 28.77 -25.96 14.46
C ARG F 39 27.98 -26.36 13.27
N ALA F 40 26.73 -26.67 13.47
CA ALA F 40 25.86 -27.12 12.39
C ALA F 40 25.50 -25.98 11.45
N ALA F 41 25.31 -24.79 12.03
CA ALA F 41 24.97 -23.60 11.24
C ALA F 41 26.12 -23.24 10.32
N ALA F 42 27.32 -23.70 10.66
CA ALA F 42 28.52 -23.42 9.88
C ALA F 42 28.62 -24.33 8.65
N THR F 43 28.51 -25.63 8.87
CA THR F 43 28.60 -26.58 7.76
C THR F 43 27.44 -26.38 6.77
N ILE F 44 26.24 -26.11 7.26
CA ILE F 44 25.09 -25.89 6.38
C ILE F 44 25.38 -24.69 5.45
N SER F 45 26.02 -23.66 6.00
CA SER F 45 26.38 -22.46 5.23
C SER F 45 27.46 -22.81 4.20
N ALA F 46 28.44 -23.58 4.64
CA ALA F 46 29.55 -23.96 3.78
C ALA F 46 29.14 -24.96 2.69
N ASN F 47 27.98 -25.56 2.83
CA ASN F 47 27.52 -26.53 1.84
C ASN F 47 26.10 -26.24 1.39
N SER F 48 25.68 -24.99 1.50
CA SER F 48 24.33 -24.61 1.11
C SER F 48 24.09 -24.84 -0.38
N ALA F 49 24.91 -24.26 -1.22
CA ALA F 49 24.76 -24.43 -2.67
C ALA F 49 24.72 -25.92 -3.02
N LEU F 50 25.51 -26.72 -2.30
CA LEU F 50 25.53 -28.14 -2.57
C LEU F 50 24.24 -28.79 -2.07
N ILE F 51 23.87 -28.52 -0.82
CA ILE F 51 22.65 -29.08 -0.25
C ILE F 51 21.49 -28.96 -1.24
N VAL F 52 21.28 -27.76 -1.77
CA VAL F 52 20.19 -27.53 -2.70
C VAL F 52 20.36 -28.30 -4.01
N LYS F 53 21.55 -28.20 -4.62
CA LYS F 53 21.84 -28.89 -5.88
C LYS F 53 21.55 -30.38 -5.82
N GLU F 54 21.86 -31.01 -4.68
CA GLU F 54 21.60 -32.45 -4.53
C GLU F 54 20.11 -32.69 -4.28
N ALA F 55 19.48 -31.87 -3.49
CA ALA F 55 18.09 -32.08 -3.20
C ALA F 55 17.26 -31.99 -4.46
N VAL F 56 17.59 -31.04 -5.30
CA VAL F 56 16.82 -30.85 -6.50
C VAL F 56 16.87 -32.08 -7.35
N ALA F 57 18.04 -32.70 -7.37
CA ALA F 57 18.26 -33.92 -8.11
C ALA F 57 17.47 -35.12 -7.66
N LYS F 58 17.42 -35.35 -6.38
CA LYS F 58 16.82 -36.56 -5.86
C LYS F 58 15.37 -36.22 -5.85
N SER F 59 15.05 -35.01 -6.25
CA SER F 59 13.66 -34.56 -6.19
C SER F 59 12.97 -33.84 -7.33
N LEU F 60 13.54 -32.73 -7.75
CA LEU F 60 12.95 -31.92 -8.80
C LEU F 60 13.96 -32.05 -9.94
N LEU F 61 13.77 -33.08 -10.74
CA LEU F 61 14.57 -33.24 -11.90
C LEU F 61 13.81 -34.29 -12.63
N TYR F 62 14.06 -34.33 -13.92
CA TYR F 62 13.51 -35.33 -14.79
C TYR F 62 12.11 -35.75 -14.43
N SER F 63 11.33 -34.79 -13.99
CA SER F 63 9.93 -35.02 -13.79
C SER F 63 9.21 -34.18 -14.80
N ASP F 64 7.91 -34.21 -14.79
CA ASP F 64 7.11 -33.44 -15.72
C ASP F 64 7.29 -31.94 -15.52
N ILE F 65 7.78 -31.54 -14.37
CA ILE F 65 7.72 -30.15 -13.94
C ILE F 65 8.53 -29.19 -14.78
N THR F 66 9.68 -29.65 -15.21
CA THR F 66 10.59 -28.78 -15.95
C THR F 66 10.32 -28.74 -17.44
N ARG F 67 9.37 -29.49 -17.93
CA ARG F 67 9.10 -29.48 -19.34
C ARG F 67 8.13 -28.38 -19.60
N PRO F 68 8.04 -27.98 -20.87
CA PRO F 68 7.08 -26.97 -21.32
C PRO F 68 5.68 -27.17 -20.73
N GLY F 69 5.20 -26.15 -20.04
CA GLY F 69 3.87 -26.15 -19.51
C GLY F 69 3.85 -26.46 -18.05
N GLY F 70 4.98 -26.87 -17.50
CA GLY F 70 4.95 -27.20 -16.08
C GLY F 70 5.58 -25.94 -15.51
N MEN F 71 5.83 -25.91 -14.22
CA MEN F 71 5.93 -24.75 -13.34
C MEN F 71 7.41 -24.43 -13.22
O MEN F 71 7.78 -23.35 -12.81
CB MEN F 71 5.28 -25.01 -11.97
CG MEN F 71 5.15 -23.72 -11.12
OD1 MEN F 71 4.55 -22.70 -11.57
ND2 MEN F 71 5.69 -23.75 -9.91
CE2 MEN F 71 5.62 -22.53 -9.16
N MET F 72 8.25 -25.38 -13.60
CA MET F 72 9.70 -25.20 -13.55
C MET F 72 10.22 -24.75 -14.91
N TYR F 73 9.38 -24.91 -15.94
CA TYR F 73 9.77 -24.54 -17.30
C TYR F 73 10.05 -23.06 -17.45
N THR F 74 11.04 -22.75 -18.29
CA THR F 74 11.55 -21.40 -18.56
C THR F 74 12.65 -21.13 -17.54
N THR F 75 13.79 -20.64 -18.00
CA THR F 75 14.89 -20.35 -17.09
C THR F 75 14.50 -19.31 -16.03
N ARG F 76 13.32 -18.70 -16.19
CA ARG F 76 12.85 -17.71 -15.22
C ARG F 76 12.31 -18.46 -13.98
N ARG F 77 11.39 -19.38 -14.22
CA ARG F 77 10.76 -20.17 -13.16
C ARG F 77 11.73 -21.16 -12.50
N TYR F 78 12.53 -21.84 -13.30
CA TYR F 78 13.47 -22.79 -12.74
C TYR F 78 14.29 -22.08 -11.68
N ALA F 79 14.81 -20.92 -12.05
CA ALA F 79 15.62 -20.13 -11.13
C ALA F 79 14.79 -19.78 -9.89
N ALA F 80 13.56 -19.34 -10.09
CA ALA F 80 12.70 -18.98 -8.97
C ALA F 80 12.52 -20.13 -7.98
N CYS F 81 12.44 -21.37 -8.47
CA CYS F 81 12.26 -22.51 -7.58
C CYS F 81 13.47 -22.74 -6.67
N ILE F 82 14.66 -22.79 -7.26
CA ILE F 82 15.91 -22.99 -6.52
C ILE F 82 16.09 -21.91 -5.46
N ARG F 83 15.70 -20.68 -5.81
CA ARG F 83 15.76 -19.51 -4.93
C ARG F 83 14.96 -19.79 -3.65
N ASP F 84 13.73 -20.27 -3.83
CA ASP F 84 12.88 -20.58 -2.70
C ASP F 84 13.49 -21.67 -1.83
N LEU F 85 14.20 -22.61 -2.47
CA LEU F 85 14.84 -23.70 -1.74
C LEU F 85 15.94 -23.17 -0.82
N GLU F 86 16.61 -22.11 -1.25
CA GLU F 86 17.67 -21.50 -0.48
C GLU F 86 17.11 -20.80 0.76
N TYR F 87 15.97 -20.14 0.59
CA TYR F 87 15.32 -19.44 1.68
C TYR F 87 14.97 -20.39 2.82
N TYR F 88 14.34 -21.50 2.48
CA TYR F 88 13.96 -22.52 3.47
C TYR F 88 15.18 -23.04 4.21
N LEU F 89 16.25 -23.31 3.46
CA LEU F 89 17.49 -23.81 4.04
C LEU F 89 18.11 -22.78 4.99
N ARG F 90 18.20 -21.54 4.52
CA ARG F 90 18.75 -20.46 5.32
C ARG F 90 17.85 -20.06 6.48
N TYR F 91 16.55 -19.98 6.24
CA TYR F 91 15.64 -19.61 7.30
C TYR F 91 15.50 -20.74 8.31
N ALA F 92 15.64 -21.98 7.85
CA ALA F 92 15.57 -23.11 8.77
C ALA F 92 16.78 -23.00 9.68
N THR F 93 17.91 -22.61 9.11
CA THR F 93 19.12 -22.46 9.89
C THR F 93 18.92 -21.33 10.89
N TYR F 94 18.36 -20.22 10.44
CA TYR F 94 18.09 -19.09 11.34
C TYR F 94 17.24 -19.60 12.50
N ALA F 95 16.17 -20.32 12.17
CA ALA F 95 15.23 -20.84 13.17
C ALA F 95 15.88 -21.85 14.11
N MET F 96 16.83 -22.61 13.60
CA MET F 96 17.52 -23.60 14.40
C MET F 96 18.44 -22.97 15.43
N LEU F 97 19.15 -21.92 15.04
CA LEU F 97 20.05 -21.22 15.95
C LEU F 97 19.29 -20.50 17.05
N ALA F 98 18.09 -20.02 16.71
CA ALA F 98 17.25 -19.29 17.66
C ALA F 98 16.41 -20.16 18.57
N GLY F 99 16.07 -21.36 18.12
CA GLY F 99 15.23 -22.22 18.94
C GLY F 99 13.83 -21.65 19.01
N ASP F 100 13.42 -20.95 17.96
CA ASP F 100 12.11 -20.32 17.91
C ASP F 100 11.66 -20.24 16.45
N THR F 101 10.40 -20.61 16.18
CA THR F 101 9.86 -20.59 14.83
C THR F 101 9.30 -19.24 14.37
N SER F 102 9.35 -18.25 15.22
CA SER F 102 8.78 -16.98 14.93
C SER F 102 9.34 -16.37 13.67
N ILE F 103 10.59 -16.64 13.37
CA ILE F 103 11.15 -16.03 12.20
C ILE F 103 10.63 -16.67 10.93
N LEU F 104 10.19 -17.89 11.04
CA LEU F 104 9.59 -18.57 9.91
C LEU F 104 8.18 -18.10 9.73
N ASP F 105 7.51 -17.91 10.85
CA ASP F 105 6.13 -17.44 10.82
C ASP F 105 6.05 -16.02 10.26
N GLU F 106 7.04 -15.19 10.62
CA GLU F 106 7.08 -13.80 10.19
C GLU F 106 7.71 -13.48 8.84
N ARG F 107 8.65 -14.28 8.41
CA ARG F 107 9.36 -13.95 7.22
C ARG F 107 9.30 -14.98 6.13
N VAL F 108 8.63 -16.10 6.37
CA VAL F 108 8.61 -17.18 5.39
C VAL F 108 7.23 -17.73 5.03
N LEU F 109 6.41 -17.98 6.03
CA LEU F 109 5.19 -18.68 5.81
C LEU F 109 3.95 -17.82 5.60
N ASN F 110 4.08 -16.53 5.89
CA ASN F 110 3.02 -15.55 5.92
C ASN F 110 2.48 -15.36 4.53
N GLY F 111 1.24 -15.72 4.31
CA GLY F 111 0.60 -15.43 3.05
C GLY F 111 1.42 -16.00 1.93
N LEU F 112 2.08 -17.09 2.23
CA LEU F 112 2.90 -17.83 1.30
C LEU F 112 2.10 -18.97 0.68
N LYS F 113 1.36 -19.69 1.50
CA LYS F 113 0.52 -20.80 1.02
C LYS F 113 -0.49 -20.27 0.00
N GLU F 114 -0.77 -18.99 0.06
CA GLU F 114 -1.71 -18.37 -0.84
C GLU F 114 -1.04 -18.03 -2.13
N THR F 115 0.04 -17.29 -2.02
CA THR F 115 0.83 -16.84 -3.14
C THR F 115 1.22 -17.98 -4.04
N TYR F 116 1.52 -19.09 -3.42
CA TYR F 116 1.81 -20.26 -4.19
C TYR F 116 0.63 -20.59 -5.04
N ASN F 117 -0.46 -20.95 -4.41
CA ASN F 117 -1.62 -21.43 -5.14
C ASN F 117 -2.07 -20.41 -6.19
N SER F 118 -1.77 -19.14 -5.93
CA SER F 118 -2.10 -18.07 -6.87
C SER F 118 -1.30 -18.23 -8.15
N LEU F 119 0.01 -18.40 -8.02
CA LEU F 119 0.87 -18.60 -9.17
C LEU F 119 0.90 -20.07 -9.57
N GLY F 120 0.04 -20.87 -8.94
CA GLY F 120 -0.03 -22.29 -9.28
C GLY F 120 1.24 -23.08 -9.05
N VAL F 121 1.96 -22.81 -7.98
CA VAL F 121 3.12 -23.58 -7.62
C VAL F 121 2.59 -24.93 -7.11
N PRO F 122 3.27 -26.00 -7.44
CA PRO F 122 2.86 -27.33 -7.05
C PRO F 122 3.20 -27.78 -5.64
N ILE F 123 2.48 -27.27 -4.67
CA ILE F 123 2.75 -27.47 -3.24
C ILE F 123 3.37 -28.84 -2.91
N GLY F 124 2.68 -29.92 -3.27
CA GLY F 124 3.19 -31.26 -2.99
C GLY F 124 4.60 -31.51 -3.47
N ALA F 125 5.01 -30.79 -4.50
CA ALA F 125 6.34 -30.94 -5.07
C ALA F 125 7.36 -30.23 -4.18
N THR F 126 7.06 -28.97 -3.86
CA THR F 126 7.93 -28.17 -3.01
C THR F 126 8.14 -28.85 -1.65
N VAL F 127 7.21 -29.72 -1.28
CA VAL F 127 7.34 -30.39 -0.01
C VAL F 127 8.20 -31.64 -0.13
N GLN F 128 8.11 -32.31 -1.27
CA GLN F 128 8.88 -33.53 -1.51
C GLN F 128 10.33 -33.10 -1.68
N ALA F 129 10.49 -31.89 -2.20
CA ALA F 129 11.80 -31.32 -2.41
C ALA F 129 12.40 -30.92 -1.07
N ILE F 130 11.61 -30.25 -0.23
CA ILE F 130 12.09 -29.83 1.09
C ILE F 130 12.59 -31.02 1.87
N GLN F 131 11.81 -32.07 1.84
CA GLN F 131 12.12 -33.27 2.49
C GLN F 131 13.49 -33.74 2.11
N ALA F 132 13.86 -33.52 0.87
CA ALA F 132 15.14 -33.94 0.33
C ALA F 132 16.24 -33.08 0.96
N ILE F 133 15.89 -31.83 1.27
CA ILE F 133 16.83 -30.90 1.91
C ILE F 133 17.16 -31.42 3.31
N LYS F 134 16.15 -31.94 3.99
CA LYS F 134 16.32 -32.46 5.34
C LYS F 134 17.29 -33.64 5.36
N GLU F 135 17.11 -34.56 4.42
CA GLU F 135 17.96 -35.73 4.29
C GLU F 135 19.35 -35.34 3.87
N VAL F 136 19.45 -34.54 2.81
CA VAL F 136 20.77 -34.12 2.35
C VAL F 136 21.50 -33.37 3.46
N THR F 137 20.83 -32.40 4.10
CA THR F 137 21.48 -31.65 5.19
C THR F 137 21.78 -32.55 6.37
N ALA F 138 20.85 -33.45 6.68
CA ALA F 138 21.05 -34.35 7.81
C ALA F 138 22.33 -35.15 7.69
N SER F 139 22.60 -35.66 6.50
CA SER F 139 23.79 -36.47 6.25
C SER F 139 25.10 -35.73 6.41
N LEU F 140 25.04 -34.41 6.47
CA LEU F 140 26.22 -33.56 6.51
C LEU F 140 26.53 -33.05 7.88
N VAL F 141 25.49 -32.82 8.65
CA VAL F 141 25.62 -32.23 9.96
C VAL F 141 25.52 -33.36 10.92
N GLY F 142 24.38 -34.05 10.86
CA GLY F 142 24.14 -35.19 11.72
C GLY F 142 22.71 -35.21 12.25
N PRO F 143 22.18 -36.42 12.46
CA PRO F 143 20.82 -36.59 12.96
C PRO F 143 20.62 -35.88 14.30
N ASP F 144 21.72 -35.55 14.96
CA ASP F 144 21.66 -34.80 16.21
C ASP F 144 21.14 -33.40 15.93
N ALA F 145 21.81 -32.71 15.01
CA ALA F 145 21.37 -31.40 14.57
C ALA F 145 20.42 -31.56 13.39
N GLY F 146 20.60 -32.65 12.65
CA GLY F 146 19.75 -32.98 11.54
C GLY F 146 18.40 -33.18 12.11
N ARG F 147 18.39 -33.71 13.31
CA ARG F 147 17.21 -33.92 14.10
C ARG F 147 16.45 -32.64 14.28
N GLU F 148 17.16 -31.57 14.56
CA GLU F 148 16.56 -30.29 14.86
C GLU F 148 16.24 -29.51 13.61
N MET F 149 17.00 -29.72 12.56
CA MET F 149 16.81 -29.05 11.29
C MET F 149 15.61 -29.71 10.60
N GLY F 150 15.43 -31.00 10.88
CA GLY F 150 14.30 -31.72 10.33
C GLY F 150 13.04 -31.14 10.94
N VAL F 151 13.06 -30.94 12.26
CA VAL F 151 11.90 -30.38 12.95
C VAL F 151 11.53 -29.01 12.37
N TYR F 152 12.52 -28.21 12.00
CA TYR F 152 12.24 -26.89 11.44
C TYR F 152 11.89 -26.90 9.95
N LEU F 153 12.52 -27.78 9.18
CA LEU F 153 12.19 -27.84 7.75
C LEU F 153 10.77 -28.40 7.64
N ASP F 154 10.47 -29.43 8.43
CA ASP F 154 9.13 -30.01 8.44
C ASP F 154 8.14 -28.91 8.81
N TYR F 155 8.57 -27.98 9.65
CA TYR F 155 7.73 -26.87 10.09
C TYR F 155 7.31 -25.97 8.94
N ILE F 156 8.16 -25.85 7.92
CA ILE F 156 7.82 -25.02 6.77
C ILE F 156 6.91 -25.78 5.82
N SER F 157 7.10 -27.08 5.73
CA SER F 157 6.27 -27.90 4.86
C SER F 157 4.82 -27.81 5.35
N SER F 158 4.63 -28.06 6.64
CA SER F 158 3.31 -28.01 7.25
C SER F 158 2.65 -26.66 7.06
N GLY F 159 3.45 -25.62 6.98
CA GLY F 159 2.92 -24.29 6.81
C GLY F 159 2.40 -24.20 5.40
N LEU F 160 2.54 -25.30 4.70
CA LEU F 160 2.10 -25.38 3.33
C LEU F 160 1.15 -26.55 3.16
N SER F 161 1.49 -27.68 3.72
CA SER F 161 0.56 -28.78 3.72
C SER F 161 -0.82 -28.17 3.82
CHA CYC G . 19.54 -29.87 -18.07
NA CYC G . 18.62 -27.86 -19.07
C1A CYC G . 18.64 -28.88 -18.17
C2A CYC G . 17.48 -28.73 -17.26
C3A CYC G . 16.82 -27.55 -17.75
C4A CYC G . 17.57 -27.03 -18.89
CMA CYC G . 15.58 -27.01 -17.13
CAA CYC G . 17.09 -29.61 -16.12
CBA CYC G . 16.80 -31.00 -16.47
CGA CYC G . 15.34 -31.08 -16.73
O1A CYC G . 14.66 -31.32 -15.73
O2A CYC G . 14.88 -30.91 -17.90
CHB CYC G . 17.39 -25.88 -19.82
NB CYC G . 15.13 -25.19 -19.48
C1B CYC G . 16.31 -25.07 -20.07
C2B CYC G . 16.28 -24.00 -21.02
C3B CYC G . 14.99 -23.43 -21.00
C4B CYC G . 14.39 -24.25 -20.01
CMB CYC G . 17.40 -23.60 -21.84
CAB CYC G . 14.38 -22.29 -21.77
CBB CYC G . 13.88 -22.75 -23.17
OB CYC G . 13.10 -24.03 -19.67
NC CYC G . 25.39 -30.00 -20.99
C1C CYC G . 26.55 -29.85 -21.55
C2C CYC G . 26.55 -29.12 -22.90
C3C CYC G . 25.13 -28.67 -22.97
C4C CYC G . 24.47 -29.39 -21.79
CMC CYC G . 27.66 -28.06 -23.00
CAC CYC G . 24.41 -28.72 -24.37
CBC CYC G . 24.79 -27.71 -25.34
OC CYC G . 27.70 -30.25 -21.05
CHD CYC G . 23.12 -29.42 -21.48
ND CYC G . 21.24 -29.41 -19.89
C1D CYC G . 22.40 -30.05 -20.34
C2D CYC G . 22.62 -31.22 -19.57
C3D CYC G . 21.54 -31.31 -18.56
C4D CYC G . 20.72 -30.14 -18.84
CMD CYC G . 23.74 -32.22 -19.71
CAD CYC G . 21.31 -32.35 -17.49
CBD CYC G . 21.87 -32.10 -16.20
CGD CYC G . 21.54 -33.22 -15.20
O1D CYC G . 22.32 -34.11 -14.95
O2D CYC G . 20.39 -33.27 -14.57
CHA CYC H . -14.30 8.42 -10.92
NA CYC H . -13.12 6.93 -12.52
C1A CYC H . -13.30 7.53 -11.30
C2A CYC H . -12.19 7.14 -10.40
C3A CYC H . -11.39 6.27 -11.22
C4A CYC H . -12.00 6.15 -12.54
CMA CYC H . -10.14 5.59 -10.74
CAA CYC H . -11.95 7.57 -8.98
CBA CYC H . -10.88 8.53 -8.79
CGA CYC H . -11.39 9.87 -9.23
O1A CYC H . -10.71 10.40 -10.11
O2A CYC H . -12.45 10.37 -8.73
CHB CYC H . -11.59 5.43 -13.77
NB CYC H . -9.28 6.07 -13.77
C1B CYC H . -10.30 5.42 -14.33
C2B CYC H . -9.87 4.74 -15.53
C3B CYC H . -8.49 5.02 -15.72
C4B CYC H . -8.25 5.83 -14.58
CMB CYC H . -10.72 3.94 -16.38
CAB CYC H . -7.50 4.60 -16.79
CBB CYC H . -7.37 3.08 -16.91
OB CYC H . -6.98 6.31 -14.37
NC CYC H . -20.14 9.05 -13.85
C1C CYC H . -21.30 8.96 -14.44
C2C CYC H . -21.27 8.41 -15.87
C3C CYC H . -19.81 8.09 -16.01
C4C CYC H . -19.20 8.61 -14.71
CMC CYC H . -22.30 7.30 -16.10
CAC CYC H . -19.10 8.48 -17.34
CBC CYC H . -19.47 7.74 -18.54
OC CYC H . -22.47 9.30 -13.95
CHD CYC H . -17.87 8.59 -14.38
ND CYC H . -15.98 8.36 -12.82
C1D CYC H . -17.18 9.00 -13.12
C2D CYC H . -17.52 9.91 -12.09
C3D CYC H . -16.44 9.82 -11.08
C4D CYC H . -15.51 8.82 -11.62
CMD CYC H . -18.73 10.80 -11.98
CAD CYC H . -16.36 10.57 -9.80
CBD CYC H . -17.23 10.11 -8.75
CGD CYC H . -17.13 10.96 -7.48
O1D CYC H . -17.96 10.89 -6.63
O2D CYC H . -16.14 11.81 -7.25
CHA CYC I . -25.29 22.87 -21.01
NA CYC I . -24.42 23.29 -18.74
C1A CYC I . -24.87 22.49 -19.75
C2A CYC I . -24.85 21.08 -19.29
C3A CYC I . -24.36 21.18 -17.94
C4A CYC I . -24.08 22.58 -17.61
CMA CYC I . -24.17 19.96 -17.08
CAA CYC I . -25.27 19.85 -20.03
CBA CYC I . -26.71 19.67 -20.20
CGA CYC I . -27.37 19.50 -18.84
O1A CYC I . -26.97 18.54 -18.18
O2A CYC I . -28.25 20.29 -18.46
CHB CYC I . -23.58 23.27 -16.39
NB CYC I . -23.71 21.60 -14.65
C1B CYC I . -23.42 22.83 -15.07
C2B CYC I . -22.93 23.63 -13.96
C3B CYC I . -22.92 22.83 -12.81
C4B CYC I . -23.39 21.60 -13.35
CMB CYC I . -22.53 25.03 -14.04
CAB CYC I . -22.53 23.14 -11.40
CBB CYC I . -23.75 23.65 -10.61
OB CYC I . -23.53 20.51 -12.54
NC CYC I . -24.32 28.84 -23.51
C1C CYC I . -23.95 30.02 -23.92
C2C CYC I . -23.99 31.12 -22.87
C3C CYC I . -24.27 30.31 -21.64
C4C CYC I . -24.57 28.92 -22.19
CMC CYC I . -22.76 32.02 -22.91
CAC CYC I . -25.26 30.91 -20.61
CBC CYC I . -24.81 32.10 -19.89
OC CYC I . -23.51 30.34 -25.12
CHD CYC I . -25.01 27.82 -21.49
ND CYC I . -25.07 25.41 -21.00
C1D CYC I . -25.30 26.44 -21.92
C2D CYC I . -25.78 25.88 -23.14
C3D CYC I . -25.83 24.43 -22.96
C4D CYC I . -25.38 24.20 -21.60
CMD CYC I . -26.17 26.62 -24.41
CAD CYC I . -26.26 23.40 -23.97
CBD CYC I . -25.22 23.06 -24.93
CGD CYC I . -25.61 22.03 -25.97
O1D CYC I . -24.79 21.55 -26.71
O2D CYC I . -26.84 21.60 -26.13
CHA CYC J . -2.90 0.84 19.77
NA CYC J . -4.42 2.56 18.82
C1A CYC J . -3.44 1.60 18.75
C2A CYC J . -2.94 1.51 17.35
C3A CYC J . -3.74 2.48 16.65
C4A CYC J . -4.65 3.13 17.59
CMA CYC J . -3.62 2.77 15.18
CAA CYC J . -1.87 0.60 16.82
CBA CYC J . -0.62 1.23 16.43
CGA CYC J . 0.03 1.73 17.68
O1A CYC J . 0.28 2.94 17.67
O2A CYC J . 0.28 0.96 18.64
CHB CYC J . -5.65 4.20 17.37
NB CYC J . -4.22 5.71 16.21
C1B CYC J . -5.42 5.41 16.72
C2B CYC J . -6.36 6.49 16.46
C3B CYC J . -5.67 7.52 15.76
C4B CYC J . -4.36 6.92 15.65
CMB CYC J . -7.76 6.51 16.89
CAB CYC J . -6.17 8.87 15.23
CBB CYC J . -5.35 10.06 15.76
OB CYC J . -3.36 7.57 15.03
NC CYC J . -5.46 -0.41 25.80
C1C CYC J . -6.11 -0.64 26.91
C2C CYC J . -7.12 0.43 27.32
C3C CYC J . -7.01 1.36 26.15
C4C CYC J . -5.90 0.76 25.30
CMC CYC J . -8.51 -0.13 27.70
CAC CYC J . -6.90 2.88 26.49
CBC CYC J . -8.08 3.51 27.08
OC CYC J . -5.98 -1.69 27.69
CHD CYC J . -5.37 1.30 24.12
ND CYC J . -4.35 1.24 21.87
C1D CYC J . -4.30 0.83 23.20
C2D CYC J . -3.18 -0.02 23.38
C3D CYC J . -2.48 -0.13 22.08
C4D CYC J . -3.28 0.70 21.17
CMD CYC J . -2.73 -0.68 24.65
CAD CYC J . -1.24 -0.91 21.77
CBD CYC J . -1.31 -2.34 21.74
CGD CYC J . 0.04 -2.99 21.44
O1D CYC J . 0.15 -4.16 21.21
O2D CYC J . 1.18 -2.29 21.41
CHA CYC K . 1.60 3.98 39.94
NA CYC K . 3.16 2.84 38.48
C1A CYC K . 1.92 3.23 38.86
C2A CYC K . 0.91 2.71 37.91
C3A CYC K . 1.71 1.97 36.98
C4A CYC K . 3.13 2.08 37.36
CMA CYC K . 1.12 1.26 35.81
CAA CYC K . -0.58 2.89 37.93
CBA CYC K . -1.31 2.22 38.99
CGA CYC K . -1.34 0.78 38.62
O1A CYC K . -2.25 0.47 37.83
O2A CYC K . -0.49 -0.02 39.09
CHB CYC K . 4.40 1.55 36.80
NB CYC K . 3.72 0.11 35.05
C1B CYC K . 4.66 0.67 35.78
C2B CYC K . 5.97 0.23 35.34
C3B CYC K . 5.79 -0.67 34.28
C4B CYC K . 4.38 -0.66 34.19
CMB CYC K . 7.23 0.65 35.93
CAB CYC K . 6.77 -1.44 33.45
CBB CYC K . 6.90 -2.90 33.95
OB CYC K . 3.76 -1.43 33.24
NC CYC K . 6.06 7.39 43.35
C1C CYC K . 7.03 8.08 43.83
C2C CYC K . 8.42 7.43 43.74
C3C CYC K . 8.09 6.17 43.01
C4C CYC K . 6.57 6.23 42.86
CMC CYC K . 9.49 8.34 43.14
CAC CYC K . 8.73 4.83 43.53
CBC CYC K . 10.16 4.67 43.38
OC CYC K . 6.95 9.28 44.37
CHD CYC K . 5.75 5.26 42.29
ND CYC K . 3.85 4.49 40.95
C1D CYC K . 4.29 5.20 42.07
C2D CYC K . 3.19 5.72 42.77
C3D CYC K . 1.97 5.32 42.04
C4D CYC K . 2.48 4.56 40.90
CMD CYC K . 3.21 6.54 44.03
CAD CYC K . 0.54 5.65 42.36
CBD CYC K . 0.01 6.77 41.64
CGD CYC K . -1.42 7.09 42.00
O1D CYC K . -1.71 7.66 43.01
O2D CYC K . -2.42 6.75 41.22
CHA CYC L . 7.63 -17.55 -7.03
NA CYC L . 8.10 -17.58 -4.63
C1A CYC L . 7.69 -17.00 -5.80
C2A CYC L . 7.28 -15.59 -5.55
C3A CYC L . 7.49 -15.44 -4.13
C4A CYC L . 8.02 -16.69 -3.58
CMA CYC L . 7.21 -14.17 -3.39
CAA CYC L . 6.76 -14.58 -6.55
CBA CYC L . 7.65 -13.47 -6.90
CGA CYC L . 8.74 -14.01 -7.79
O1A CYC L . 9.87 -14.00 -7.28
O2A CYC L . 8.50 -14.46 -8.95
CHB CYC L . 8.42 -17.07 -2.21
NB CYC L . 9.69 -15.12 -1.70
C1B CYC L . 9.20 -16.30 -1.35
C2B CYC L . 9.62 -16.63 0.00
C3B CYC L . 10.41 -15.56 0.48
C4B CYC L . 10.37 -14.69 -0.64
CMB CYC L . 9.28 -17.85 0.70
CAB CYC L . 11.10 -15.35 1.82
CBB CYC L . 10.80 -13.95 2.43
OB CYC L . 11.03 -13.50 -0.61
NC CYC L . 8.02 -23.95 -8.57
C1C CYC L . 8.02 -25.24 -8.75
C2C CYC L . 8.79 -26.05 -7.72
C3C CYC L . 9.13 -24.99 -6.72
C4C CYC L . 8.71 -23.70 -7.44
CMC CYC L . 8.03 -27.30 -7.26
CAC CYC L . 10.56 -25.02 -6.09
CBC CYC L . 10.81 -26.02 -5.07
OC CYC L . 7.44 -25.88 -9.72
CHD CYC L . 8.93 -22.39 -7.01
ND CYC L . 8.34 -20.00 -6.73
C1D CYC L . 8.52 -21.08 -7.60
C2D CYC L . 8.25 -20.67 -8.93
C3D CYC L . 7.85 -19.25 -8.88
C4D CYC L . 7.94 -18.89 -7.48
CMD CYC L . 8.32 -21.50 -10.19
CAD CYC L . 7.46 -18.38 -10.04
CBD CYC L . 6.08 -18.52 -10.46
CGD CYC L . 5.75 -17.66 -11.66
O1D CYC L . 4.96 -18.03 -12.49
O2D CYC L . 6.29 -16.47 -11.86
#